data_1Q1H
# 
_entry.id   1Q1H 
# 
_audit_conform.dict_name       mmcif_pdbx.dic 
_audit_conform.dict_version    5.386 
_audit_conform.dict_location   http://mmcif.pdb.org/dictionaries/ascii/mmcif_pdbx.dic 
# 
loop_
_database_2.database_id 
_database_2.database_code 
_database_2.pdbx_database_accession 
_database_2.pdbx_DOI 
PDB   1Q1H         pdb_00001q1h 10.2210/pdb1q1h/pdb 
RCSB  RCSB019797   ?            ?                   
WWPDB D_1000019797 ?            ?                   
# 
loop_
_pdbx_audit_revision_history.ordinal 
_pdbx_audit_revision_history.data_content_type 
_pdbx_audit_revision_history.major_revision 
_pdbx_audit_revision_history.minor_revision 
_pdbx_audit_revision_history.revision_date 
1 'Structure model' 1 0 2003-12-09 
2 'Structure model' 1 1 2008-04-29 
3 'Structure model' 1 2 2011-07-13 
4 'Structure model' 1 3 2024-02-14 
# 
_pdbx_audit_revision_details.ordinal             1 
_pdbx_audit_revision_details.revision_ordinal    1 
_pdbx_audit_revision_details.data_content_type   'Structure model' 
_pdbx_audit_revision_details.provider            repository 
_pdbx_audit_revision_details.type                'Initial release' 
_pdbx_audit_revision_details.description         ? 
_pdbx_audit_revision_details.details             ? 
# 
loop_
_pdbx_audit_revision_group.ordinal 
_pdbx_audit_revision_group.revision_ordinal 
_pdbx_audit_revision_group.data_content_type 
_pdbx_audit_revision_group.group 
1 2 'Structure model' 'Version format compliance' 
2 3 'Structure model' 'Version format compliance' 
3 4 'Structure model' 'Data collection'           
4 4 'Structure model' 'Database references'       
# 
loop_
_pdbx_audit_revision_category.ordinal 
_pdbx_audit_revision_category.revision_ordinal 
_pdbx_audit_revision_category.data_content_type 
_pdbx_audit_revision_category.category 
1 4 'Structure model' chem_comp_atom 
2 4 'Structure model' chem_comp_bond 
3 4 'Structure model' database_2     
# 
loop_
_pdbx_audit_revision_item.ordinal 
_pdbx_audit_revision_item.revision_ordinal 
_pdbx_audit_revision_item.data_content_type 
_pdbx_audit_revision_item.item 
1 4 'Structure model' '_database_2.pdbx_DOI'                
2 4 'Structure model' '_database_2.pdbx_database_accession' 
# 
_pdbx_database_status.status_code                     REL 
_pdbx_database_status.entry_id                        1Q1H 
_pdbx_database_status.recvd_initial_deposition_date   2003-07-21 
_pdbx_database_status.deposit_site                    RCSB 
_pdbx_database_status.process_site                    RCSB 
_pdbx_database_status.status_code_sf                  REL 
_pdbx_database_status.SG_entry                        . 
_pdbx_database_status.pdb_format_compatible           Y 
_pdbx_database_status.status_code_mr                  ? 
_pdbx_database_status.status_code_cs                  ? 
_pdbx_database_status.status_code_nmr_data            ? 
_pdbx_database_status.methods_development_category    ? 
# 
loop_
_audit_author.name 
_audit_author.pdbx_ordinal 
'Meinhart, A.' 1 
'Blobel, J.'   2 
'Cramer, P.'   3 
# 
_citation.id                        primary 
_citation.title                     'An Extended Winged Helix Domain in General Transcription Factor E/IIE alpha' 
_citation.journal_abbrev            J.Biol.Chem. 
_citation.journal_volume            278 
_citation.page_first                48267 
_citation.page_last                 48274 
_citation.year                      2003 
_citation.journal_id_ASTM           JBCHA3 
_citation.country                   US 
_citation.journal_id_ISSN           0021-9258 
_citation.journal_id_CSD            0071 
_citation.book_publisher            ? 
_citation.pdbx_database_id_PubMed   13679366 
_citation.pdbx_database_id_DOI      10.1074/jbc.M307874200 
# 
loop_
_citation_author.citation_id 
_citation_author.name 
_citation_author.ordinal 
_citation_author.identifier_ORCID 
primary 'Meinhart, A.' 1 ? 
primary 'Blobel, J.'   2 ? 
primary 'Cramer, P.'   3 ? 
# 
_entity.id                         1 
_entity.type                       polymer 
_entity.src_method                 man 
_entity.pdbx_description           'Transcription Factor E' 
_entity.formula_weight             13091.107 
_entity.pdbx_number_of_molecules   1 
_entity.pdbx_ec                    ? 
_entity.pdbx_mutation              ? 
_entity.pdbx_fragment              'residue 1-110' 
_entity.details                    ? 
# 
_entity_name_com.entity_id   1 
_entity_name_com.name        'TFE; TFIIE alpha subunit homolog; tfE' 
# 
_entity_poly.entity_id                      1 
_entity_poly.type                           'polypeptide(L)' 
_entity_poly.nstd_linkage                   no 
_entity_poly.nstd_monomer                   no 
_entity_poly.pdbx_seq_one_letter_code       
;MVNAEDLFINLAKSLLGDDVIDVLRILLDKGTEMTDEEIANQLNIKVNDVRKKLNLLEEQGFVSYRKTRDKDSGWFIYYW
KPNIDQINEILLNRKRLILDKLKTRLEYEK
;
_entity_poly.pdbx_seq_one_letter_code_can   
;MVNAEDLFINLAKSLLGDDVIDVLRILLDKGTEMTDEEIANQLNIKVNDVRKKLNLLEEQGFVSYRKTRDKDSGWFIYYW
KPNIDQINEILLNRKRLILDKLKTRLEYEK
;
_entity_poly.pdbx_strand_id                 A 
_entity_poly.pdbx_target_identifier         ? 
# 
loop_
_entity_poly_seq.entity_id 
_entity_poly_seq.num 
_entity_poly_seq.mon_id 
_entity_poly_seq.hetero 
1 1   MET n 
1 2   VAL n 
1 3   ASN n 
1 4   ALA n 
1 5   GLU n 
1 6   ASP n 
1 7   LEU n 
1 8   PHE n 
1 9   ILE n 
1 10  ASN n 
1 11  LEU n 
1 12  ALA n 
1 13  LYS n 
1 14  SER n 
1 15  LEU n 
1 16  LEU n 
1 17  GLY n 
1 18  ASP n 
1 19  ASP n 
1 20  VAL n 
1 21  ILE n 
1 22  ASP n 
1 23  VAL n 
1 24  LEU n 
1 25  ARG n 
1 26  ILE n 
1 27  LEU n 
1 28  LEU n 
1 29  ASP n 
1 30  LYS n 
1 31  GLY n 
1 32  THR n 
1 33  GLU n 
1 34  MET n 
1 35  THR n 
1 36  ASP n 
1 37  GLU n 
1 38  GLU n 
1 39  ILE n 
1 40  ALA n 
1 41  ASN n 
1 42  GLN n 
1 43  LEU n 
1 44  ASN n 
1 45  ILE n 
1 46  LYS n 
1 47  VAL n 
1 48  ASN n 
1 49  ASP n 
1 50  VAL n 
1 51  ARG n 
1 52  LYS n 
1 53  LYS n 
1 54  LEU n 
1 55  ASN n 
1 56  LEU n 
1 57  LEU n 
1 58  GLU n 
1 59  GLU n 
1 60  GLN n 
1 61  GLY n 
1 62  PHE n 
1 63  VAL n 
1 64  SER n 
1 65  TYR n 
1 66  ARG n 
1 67  LYS n 
1 68  THR n 
1 69  ARG n 
1 70  ASP n 
1 71  LYS n 
1 72  ASP n 
1 73  SER n 
1 74  GLY n 
1 75  TRP n 
1 76  PHE n 
1 77  ILE n 
1 78  TYR n 
1 79  TYR n 
1 80  TRP n 
1 81  LYS n 
1 82  PRO n 
1 83  ASN n 
1 84  ILE n 
1 85  ASP n 
1 86  GLN n 
1 87  ILE n 
1 88  ASN n 
1 89  GLU n 
1 90  ILE n 
1 91  LEU n 
1 92  LEU n 
1 93  ASN n 
1 94  ARG n 
1 95  LYS n 
1 96  ARG n 
1 97  LEU n 
1 98  ILE n 
1 99  LEU n 
1 100 ASP n 
1 101 LYS n 
1 102 LEU n 
1 103 LYS n 
1 104 THR n 
1 105 ARG n 
1 106 LEU n 
1 107 GLU n 
1 108 TYR n 
1 109 GLU n 
1 110 LYS n 
# 
_entity_src_gen.entity_id                          1 
_entity_src_gen.pdbx_src_id                        1 
_entity_src_gen.pdbx_alt_source_flag               sample 
_entity_src_gen.pdbx_seq_type                      ? 
_entity_src_gen.pdbx_beg_seq_num                   ? 
_entity_src_gen.pdbx_end_seq_num                   ? 
_entity_src_gen.gene_src_common_name               ? 
_entity_src_gen.gene_src_genus                     Sulfolobus 
_entity_src_gen.pdbx_gene_src_gene                 tfE 
_entity_src_gen.gene_src_species                   ? 
_entity_src_gen.gene_src_strain                    ? 
_entity_src_gen.gene_src_tissue                    ? 
_entity_src_gen.gene_src_tissue_fraction           ? 
_entity_src_gen.gene_src_details                   ? 
_entity_src_gen.pdbx_gene_src_fragment             ? 
_entity_src_gen.pdbx_gene_src_scientific_name      'Sulfolobus solfataricus' 
_entity_src_gen.pdbx_gene_src_ncbi_taxonomy_id     2287 
_entity_src_gen.pdbx_gene_src_variant              ? 
_entity_src_gen.pdbx_gene_src_cell_line            ? 
_entity_src_gen.pdbx_gene_src_atcc                 ? 
_entity_src_gen.pdbx_gene_src_organ                ? 
_entity_src_gen.pdbx_gene_src_organelle            ? 
_entity_src_gen.pdbx_gene_src_cell                 ? 
_entity_src_gen.pdbx_gene_src_cellular_location    ? 
_entity_src_gen.host_org_common_name               ? 
_entity_src_gen.pdbx_host_org_scientific_name      'Escherichia coli' 
_entity_src_gen.pdbx_host_org_ncbi_taxonomy_id     562 
_entity_src_gen.host_org_genus                     Escherichia 
_entity_src_gen.pdbx_host_org_gene                 ? 
_entity_src_gen.pdbx_host_org_organ                ? 
_entity_src_gen.host_org_species                   ? 
_entity_src_gen.pdbx_host_org_tissue               ? 
_entity_src_gen.pdbx_host_org_tissue_fraction      ? 
_entity_src_gen.pdbx_host_org_strain               'BL21(DE3) RIL' 
_entity_src_gen.pdbx_host_org_variant              ? 
_entity_src_gen.pdbx_host_org_cell_line            ? 
_entity_src_gen.pdbx_host_org_atcc                 ? 
_entity_src_gen.pdbx_host_org_culture_collection   ? 
_entity_src_gen.pdbx_host_org_cell                 ? 
_entity_src_gen.pdbx_host_org_organelle            ? 
_entity_src_gen.pdbx_host_org_cellular_location    ? 
_entity_src_gen.pdbx_host_org_vector_type          plasmid 
_entity_src_gen.pdbx_host_org_vector               ? 
_entity_src_gen.host_org_details                   ? 
_entity_src_gen.expression_system_id               ? 
_entity_src_gen.plasmid_name                       pET21b 
_entity_src_gen.plasmid_details                    ? 
_entity_src_gen.pdbx_description                   ? 
# 
loop_
_chem_comp.id 
_chem_comp.type 
_chem_comp.mon_nstd_flag 
_chem_comp.name 
_chem_comp.pdbx_synonyms 
_chem_comp.formula 
_chem_comp.formula_weight 
ALA 'L-peptide linking' y ALANINE         ? 'C3 H7 N O2'     89.093  
ARG 'L-peptide linking' y ARGININE        ? 'C6 H15 N4 O2 1' 175.209 
ASN 'L-peptide linking' y ASPARAGINE      ? 'C4 H8 N2 O3'    132.118 
ASP 'L-peptide linking' y 'ASPARTIC ACID' ? 'C4 H7 N O4'     133.103 
GLN 'L-peptide linking' y GLUTAMINE       ? 'C5 H10 N2 O3'   146.144 
GLU 'L-peptide linking' y 'GLUTAMIC ACID' ? 'C5 H9 N O4'     147.129 
GLY 'peptide linking'   y GLYCINE         ? 'C2 H5 N O2'     75.067  
ILE 'L-peptide linking' y ISOLEUCINE      ? 'C6 H13 N O2'    131.173 
LEU 'L-peptide linking' y LEUCINE         ? 'C6 H13 N O2'    131.173 
LYS 'L-peptide linking' y LYSINE          ? 'C6 H15 N2 O2 1' 147.195 
MET 'L-peptide linking' y METHIONINE      ? 'C5 H11 N O2 S'  149.211 
PHE 'L-peptide linking' y PHENYLALANINE   ? 'C9 H11 N O2'    165.189 
PRO 'L-peptide linking' y PROLINE         ? 'C5 H9 N O2'     115.130 
SER 'L-peptide linking' y SERINE          ? 'C3 H7 N O3'     105.093 
THR 'L-peptide linking' y THREONINE       ? 'C4 H9 N O3'     119.119 
TRP 'L-peptide linking' y TRYPTOPHAN      ? 'C11 H12 N2 O2'  204.225 
TYR 'L-peptide linking' y TYROSINE        ? 'C9 H11 N O3'    181.189 
VAL 'L-peptide linking' y VALINE          ? 'C5 H11 N O2'    117.146 
# 
loop_
_pdbx_poly_seq_scheme.asym_id 
_pdbx_poly_seq_scheme.entity_id 
_pdbx_poly_seq_scheme.seq_id 
_pdbx_poly_seq_scheme.mon_id 
_pdbx_poly_seq_scheme.ndb_seq_num 
_pdbx_poly_seq_scheme.pdb_seq_num 
_pdbx_poly_seq_scheme.auth_seq_num 
_pdbx_poly_seq_scheme.pdb_mon_id 
_pdbx_poly_seq_scheme.auth_mon_id 
_pdbx_poly_seq_scheme.pdb_strand_id 
_pdbx_poly_seq_scheme.pdb_ins_code 
_pdbx_poly_seq_scheme.hetero 
A 1 1   MET 1   1   1  MET MET A . n 
A 1 2   VAL 2   2   2  VAL VAL A . n 
A 1 3   ASN 3   3   3  ASN ASN A . n 
A 1 4   ALA 4   4   4  ALA ALA A . n 
A 1 5   GLU 5   5   5  GLU GLU A . n 
A 1 6   ASP 6   6   6  ASP ASP A . n 
A 1 7   LEU 7   7   7  LEU LEU A . n 
A 1 8   PHE 8   8   8  PHE PHE A . n 
A 1 9   ILE 9   9   9  ILE ILE A . n 
A 1 10  ASN 10  10  10 ASN ASN A . n 
A 1 11  LEU 11  11  11 LEU LEU A . n 
A 1 12  ALA 12  12  12 ALA ALA A . n 
A 1 13  LYS 13  13  13 LYS LYS A . n 
A 1 14  SER 14  14  14 SER SER A . n 
A 1 15  LEU 15  15  15 LEU LEU A . n 
A 1 16  LEU 16  16  16 LEU LEU A . n 
A 1 17  GLY 17  17  17 GLY GLY A . n 
A 1 18  ASP 18  18  18 ASP ASP A . n 
A 1 19  ASP 19  19  19 ASP ASP A . n 
A 1 20  VAL 20  20  20 VAL VAL A . n 
A 1 21  ILE 21  21  21 ILE ILE A . n 
A 1 22  ASP 22  22  22 ASP ASP A . n 
A 1 23  VAL 23  23  23 VAL VAL A . n 
A 1 24  LEU 24  24  24 LEU LEU A . n 
A 1 25  ARG 25  25  25 ARG ARG A . n 
A 1 26  ILE 26  26  26 ILE ILE A . n 
A 1 27  LEU 27  27  27 LEU LEU A . n 
A 1 28  LEU 28  28  28 LEU LEU A . n 
A 1 29  ASP 29  29  29 ASP ASP A . n 
A 1 30  LYS 30  30  30 LYS LYS A . n 
A 1 31  GLY 31  31  31 GLY GLY A . n 
A 1 32  THR 32  32  32 THR THR A . n 
A 1 33  GLU 33  33  33 GLU GLU A . n 
A 1 34  MET 34  34  34 MET MET A . n 
A 1 35  THR 35  35  35 THR THR A . n 
A 1 36  ASP 36  36  36 ASP ASP A . n 
A 1 37  GLU 37  37  37 GLU GLU A . n 
A 1 38  GLU 38  38  38 GLU GLU A . n 
A 1 39  ILE 39  39  39 ILE ILE A . n 
A 1 40  ALA 40  40  40 ALA ALA A . n 
A 1 41  ASN 41  41  41 ASN ASN A . n 
A 1 42  GLN 42  42  42 GLN GLN A . n 
A 1 43  LEU 43  43  43 LEU LEU A . n 
A 1 44  ASN 44  44  44 ASN ASN A . n 
A 1 45  ILE 45  45  45 ILE ILE A . n 
A 1 46  LYS 46  46  46 LYS LYS A . n 
A 1 47  VAL 47  47  47 VAL VAL A . n 
A 1 48  ASN 48  48  48 ASN ASN A . n 
A 1 49  ASP 49  49  49 ASP ASP A . n 
A 1 50  VAL 50  50  50 VAL VAL A . n 
A 1 51  ARG 51  51  51 ARG ARG A . n 
A 1 52  LYS 52  52  52 LYS LYS A . n 
A 1 53  LYS 53  53  53 LYS LYS A . n 
A 1 54  LEU 54  54  54 LEU LEU A . n 
A 1 55  ASN 55  55  55 ASN ASN A . n 
A 1 56  LEU 56  56  56 LEU LEU A . n 
A 1 57  LEU 57  57  57 LEU LEU A . n 
A 1 58  GLU 58  58  58 GLU GLU A . n 
A 1 59  GLU 59  59  59 GLU GLU A . n 
A 1 60  GLN 60  60  60 GLN GLN A . n 
A 1 61  GLY 61  61  61 GLY GLY A . n 
A 1 62  PHE 62  62  62 PHE PHE A . n 
A 1 63  VAL 63  63  63 VAL VAL A . n 
A 1 64  SER 64  64  64 SER SER A . n 
A 1 65  TYR 65  65  65 TYR TYR A . n 
A 1 66  ARG 66  66  66 ARG ARG A . n 
A 1 67  LYS 67  67  67 LYS LYS A . n 
A 1 68  THR 68  68  68 THR THR A . n 
A 1 69  ARG 69  69  69 ARG ARG A . n 
A 1 70  ASP 70  70  ?  ?   ?   A . n 
A 1 71  LYS 71  71  ?  ?   ?   A . n 
A 1 72  ASP 72  72  ?  ?   ?   A . n 
A 1 73  SER 73  73  73 SER SER A . n 
A 1 74  GLY 74  74  74 GLY GLY A . n 
A 1 75  TRP 75  75  75 TRP TRP A . n 
A 1 76  PHE 76  76  76 PHE PHE A . n 
A 1 77  ILE 77  77  77 ILE ILE A . n 
A 1 78  TYR 78  78  78 TYR TYR A . n 
A 1 79  TYR 79  79  79 TYR TYR A . n 
A 1 80  TRP 80  80  80 TRP TRP A . n 
A 1 81  LYS 81  81  81 LYS LYS A . n 
A 1 82  PRO 82  82  82 PRO PRO A . n 
A 1 83  ASN 83  83  83 ASN ASN A . n 
A 1 84  ILE 84  84  84 ILE ILE A . n 
A 1 85  ASP 85  85  85 ASP ASP A . n 
A 1 86  GLN 86  86  86 GLN GLN A . n 
A 1 87  ILE 87  87  87 ILE ILE A . n 
A 1 88  ASN 88  88  88 ASN ASN A . n 
A 1 89  GLU 89  89  ?  ?   ?   A . n 
A 1 90  ILE 90  90  ?  ?   ?   A . n 
A 1 91  LEU 91  91  ?  ?   ?   A . n 
A 1 92  LEU 92  92  ?  ?   ?   A . n 
A 1 93  ASN 93  93  ?  ?   ?   A . n 
A 1 94  ARG 94  94  ?  ?   ?   A . n 
A 1 95  LYS 95  95  ?  ?   ?   A . n 
A 1 96  ARG 96  96  ?  ?   ?   A . n 
A 1 97  LEU 97  97  ?  ?   ?   A . n 
A 1 98  ILE 98  98  ?  ?   ?   A . n 
A 1 99  LEU 99  99  ?  ?   ?   A . n 
A 1 100 ASP 100 100 ?  ?   ?   A . n 
A 1 101 LYS 101 101 ?  ?   ?   A . n 
A 1 102 LEU 102 102 ?  ?   ?   A . n 
A 1 103 LYS 103 103 ?  ?   ?   A . n 
A 1 104 THR 104 104 ?  ?   ?   A . n 
A 1 105 ARG 105 105 ?  ?   ?   A . n 
A 1 106 LEU 106 106 ?  ?   ?   A . n 
A 1 107 GLU 107 107 ?  ?   ?   A . n 
A 1 108 TYR 108 108 ?  ?   ?   A . n 
A 1 109 GLU 109 109 ?  ?   ?   A . n 
A 1 110 LYS 110 110 ?  ?   ?   A . n 
# 
loop_
_software.name 
_software.classification 
_software.version 
_software.citation_id 
_software.pdbx_ordinal 
DENZO     'data reduction' . ? 1 
SCALEPACK 'data scaling'   . ? 2 
SOLVE     phasing          . ? 3 
CNS       refinement       . ? 4 
# 
_cell.entry_id           1Q1H 
_cell.length_a           66.1 
_cell.length_b           66.1 
_cell.length_c           92.7 
_cell.angle_alpha        90.00 
_cell.angle_beta         90.00 
_cell.angle_gamma        120.00 
_cell.Z_PDB              12 
_cell.pdbx_unique_axis   ? 
# 
_symmetry.entry_id                         1Q1H 
_symmetry.space_group_name_H-M             'P 61 2 2' 
_symmetry.cell_setting                     hexagonal 
_symmetry.pdbx_full_space_group_name_H-M   ? 
_symmetry.Int_Tables_number                178 
# 
_exptl.entry_id          1Q1H 
_exptl.method            'X-RAY DIFFRACTION' 
_exptl.crystals_number   1 
# 
_exptl_crystal.id                    1 
_exptl_crystal.density_percent_sol   58.4 
_exptl_crystal.density_meas          ? 
_exptl_crystal.description           ? 
_exptl_crystal.density_Matthews      2.23 
# 
_exptl_crystal_grow.crystal_id      1 
_exptl_crystal_grow.method          'VAPOR DIFFUSION, HANGING DROP' 
_exptl_crystal_grow.temp            293 
_exptl_crystal_grow.pH              8.5 
_exptl_crystal_grow.pdbx_details    'TRIS-Cl, sodium acetate, PEG 1000, pH 8.5, VAPOR DIFFUSION, HANGING DROP, temperature 293K' 
_exptl_crystal_grow.temp_details    ? 
_exptl_crystal_grow.pdbx_pH_range   . 
# 
_diffrn.id                     1 
_diffrn.ambient_temp           100 
_diffrn.ambient_temp_details   ? 
_diffrn.crystal_id             1 
# 
_diffrn_detector.diffrn_id              1 
_diffrn_detector.detector               CCD 
_diffrn_detector.type                   MARRESEARCH 
_diffrn_detector.pdbx_collection_date   2003-05-02 
_diffrn_detector.details                ? 
# 
_diffrn_radiation.diffrn_id                        1 
_diffrn_radiation.wavelength_id                    1 
_diffrn_radiation.pdbx_monochromatic_or_laue_m_l   M 
_diffrn_radiation.monochromator                    ? 
_diffrn_radiation.pdbx_diffrn_protocol             'SINGLE WAVELENGTH' 
_diffrn_radiation.pdbx_scattering_type             x-ray 
# 
_diffrn_radiation_wavelength.id           1 
_diffrn_radiation_wavelength.wavelength   0.9793 
_diffrn_radiation_wavelength.wt           1.0 
# 
_diffrn_source.diffrn_id                   1 
_diffrn_source.source                      SYNCHROTRON 
_diffrn_source.type                        'SLS BEAMLINE X06SA' 
_diffrn_source.pdbx_synchrotron_site       SLS 
_diffrn_source.pdbx_synchrotron_beamline   X06SA 
_diffrn_source.pdbx_wavelength             ? 
_diffrn_source.pdbx_wavelength_list        0.9793 
# 
_reflns.entry_id                     1Q1H 
_reflns.observed_criterion_sigma_F   0 
_reflns.observed_criterion_sigma_I   0 
_reflns.d_resolution_high            2.90 
_reflns.d_resolution_low             20.0 
_reflns.number_all                   3025 
_reflns.number_obs                   3025 
_reflns.percent_possible_obs         98.7 
_reflns.pdbx_Rmerge_I_obs            ? 
_reflns.pdbx_Rsym_value              ? 
_reflns.pdbx_netI_over_sigmaI        ? 
_reflns.B_iso_Wilson_estimate        ? 
_reflns.pdbx_redundancy              ? 
_reflns.R_free_details               ? 
_reflns.limit_h_max                  ? 
_reflns.limit_h_min                  ? 
_reflns.limit_k_max                  ? 
_reflns.limit_k_min                  ? 
_reflns.limit_l_max                  ? 
_reflns.limit_l_min                  ? 
_reflns.observed_criterion_F_max     ? 
_reflns.observed_criterion_F_min     ? 
_reflns.pdbx_diffrn_id               1 
_reflns.pdbx_ordinal                 1 
# 
_refine.entry_id                                 1Q1H 
_refine.ls_d_res_high                            2.90 
_refine.ls_d_res_low                             6.50 
_refine.pdbx_ls_sigma_F                          0 
_refine.pdbx_ls_sigma_I                          ? 
_refine.ls_number_reflns_all                     2641 
_refine.ls_number_reflns_obs                     2641 
_refine.ls_number_reflns_R_free                  146 
_refine.ls_percent_reflns_obs                    ? 
_refine.ls_R_factor_all                          0.339 
_refine.ls_R_factor_obs                          0.3151 
_refine.ls_R_factor_R_work                       0.315 
_refine.ls_R_factor_R_free                       0.321 
_refine.ls_redundancy_reflns_obs                 ? 
_refine.pdbx_data_cutoff_high_absF               ? 
_refine.pdbx_data_cutoff_low_absF                ? 
_refine.ls_number_parameters                     ? 
_refine.ls_number_restraints                     ? 
_refine.ls_percent_reflns_R_free                 5.5 
_refine.ls_R_factor_R_free_error                 ? 
_refine.ls_R_factor_R_free_error_details         ? 
_refine.pdbx_method_to_determine_struct          MAD 
_refine.pdbx_starting_model                      ? 
_refine.pdbx_ls_cross_valid_method               THROUGHOUT 
_refine.pdbx_R_Free_selection_details            RANDOM 
_refine.pdbx_stereochem_target_val_spec_case     ? 
_refine.pdbx_stereochemistry_target_values       'Engh & Huber' 
_refine.solvent_model_details                    ? 
_refine.solvent_model_param_bsol                 ? 
_refine.solvent_model_param_ksol                 ? 
_refine.occupancy_max                            ? 
_refine.occupancy_min                            ? 
_refine.pdbx_isotropic_thermal_model             ? 
_refine.B_iso_mean                               ? 
_refine.aniso_B[1][1]                            -3.900 
_refine.aniso_B[1][2]                            1.559 
_refine.aniso_B[1][3]                            0.000 
_refine.aniso_B[2][2]                            -3.900 
_refine.aniso_B[2][3]                            0.000 
_refine.aniso_B[3][3]                            7.799 
_refine.details                                  ? 
_refine.B_iso_min                                ? 
_refine.B_iso_max                                ? 
_refine.correlation_coeff_Fo_to_Fc               ? 
_refine.correlation_coeff_Fo_to_Fc_free          ? 
_refine.pdbx_solvent_vdw_probe_radii             ? 
_refine.pdbx_solvent_ion_probe_radii             ? 
_refine.pdbx_solvent_shrinkage_radii             ? 
_refine.overall_SU_R_Cruickshank_DPI             ? 
_refine.overall_SU_R_free                        ? 
_refine.overall_SU_B                             ? 
_refine.overall_SU_ML                            ? 
_refine.pdbx_overall_ESU_R                       ? 
_refine.pdbx_overall_ESU_R_Free                  ? 
_refine.pdbx_data_cutoff_high_rms_absF           ? 
_refine.pdbx_refine_id                           'X-RAY DIFFRACTION' 
_refine.pdbx_diffrn_id                           1 
_refine.pdbx_TLS_residual_ADP_flag               ? 
_refine.pdbx_overall_phase_error                 ? 
_refine.pdbx_overall_SU_R_free_Cruickshank_DPI   ? 
_refine.pdbx_overall_SU_R_Blow_DPI               ? 
_refine.pdbx_overall_SU_R_free_Blow_DPI          ? 
# 
_refine_hist.pdbx_refine_id                   'X-RAY DIFFRACTION' 
_refine_hist.cycle_id                         LAST 
_refine_hist.pdbx_number_atoms_protein        701 
_refine_hist.pdbx_number_atoms_nucleic_acid   0 
_refine_hist.pdbx_number_atoms_ligand         0 
_refine_hist.number_atoms_solvent             0 
_refine_hist.number_atoms_total               701 
_refine_hist.d_res_high                       2.90 
_refine_hist.d_res_low                        6.50 
# 
loop_
_refine_ls_restr.type 
_refine_ls_restr.dev_ideal 
_refine_ls_restr.dev_ideal_target 
_refine_ls_restr.weight 
_refine_ls_restr.number 
_refine_ls_restr.pdbx_refine_id 
_refine_ls_restr.pdbx_restraint_function 
c_mcbond_it  2.444 2.5 ? ? 'X-RAY DIFFRACTION' ? 
c_mcangle_it 3.000 3.0 ? ? 'X-RAY DIFFRACTION' ? 
c_scbond_it  3.848 3.0 ? ? 'X-RAY DIFFRACTION' ? 
c_scangle_it 4.656 3.5 ? ? 'X-RAY DIFFRACTION' ? 
c_bond_d     0.007 ?   ? ? 'X-RAY DIFFRACTION' ? 
c_angle_deg  1.330 ?   ? ? 'X-RAY DIFFRACTION' ? 
# 
_struct.entry_id                  1Q1H 
_struct.title                     'An extended winged helix domain in general transcription factor E/IIE alpha' 
_struct.pdbx_model_details        ? 
_struct.pdbx_CASP_flag            ? 
_struct.pdbx_model_type_details   ? 
# 
_struct_keywords.entry_id        1Q1H 
_struct_keywords.pdbx_keywords   TRANSCRIPTION 
_struct_keywords.text            
;TFE, TFIIE, transcription initiation, preinitiation complex, RNA polymerase II, transcription bubble, promoter melting, TFIIH, transcription
;
# 
_struct_asym.id                            A 
_struct_asym.pdbx_blank_PDB_chainid_flag   N 
_struct_asym.pdbx_modified                 N 
_struct_asym.entity_id                     1 
_struct_asym.details                       ? 
# 
_struct_ref.id                         1 
_struct_ref.entity_id                  1 
_struct_ref.db_name                    UNP 
_struct_ref.db_code                    Q980M5_SULSO 
_struct_ref.pdbx_db_accession          Q980M5 
_struct_ref.pdbx_align_begin           1 
_struct_ref.pdbx_seq_one_letter_code   
;MVNAEDLFINLAKSLLGDDVIDVLRILLDKGTEMTDEEIANQLNIKVNDVRKKLNLLEEQGFVSYRKTRDKDSGWFIYYW
KPNIDQINEILLNRKRLILDKLKTRLEYEK
;
_struct_ref.pdbx_db_isoform            ? 
# 
_struct_ref_seq.align_id                      1 
_struct_ref_seq.ref_id                        1 
_struct_ref_seq.pdbx_PDB_id_code              1Q1H 
_struct_ref_seq.pdbx_strand_id                A 
_struct_ref_seq.seq_align_beg                 1 
_struct_ref_seq.pdbx_seq_align_beg_ins_code   ? 
_struct_ref_seq.seq_align_end                 110 
_struct_ref_seq.pdbx_seq_align_end_ins_code   ? 
_struct_ref_seq.pdbx_db_accession             Q980M5 
_struct_ref_seq.db_align_beg                  1 
_struct_ref_seq.pdbx_db_align_beg_ins_code    ? 
_struct_ref_seq.db_align_end                  110 
_struct_ref_seq.pdbx_db_align_end_ins_code    ? 
_struct_ref_seq.pdbx_auth_seq_align_beg       1 
_struct_ref_seq.pdbx_auth_seq_align_end       110 
# 
_pdbx_struct_assembly.id                   1 
_pdbx_struct_assembly.details              author_defined_assembly 
_pdbx_struct_assembly.method_details       ? 
_pdbx_struct_assembly.oligomeric_details   monomeric 
_pdbx_struct_assembly.oligomeric_count     1 
# 
_pdbx_struct_assembly_gen.assembly_id       1 
_pdbx_struct_assembly_gen.oper_expression   1 
_pdbx_struct_assembly_gen.asym_id_list      A 
# 
_pdbx_struct_oper_list.id                   1 
_pdbx_struct_oper_list.type                 'identity operation' 
_pdbx_struct_oper_list.name                 1_555 
_pdbx_struct_oper_list.symmetry_operation   x,y,z 
_pdbx_struct_oper_list.matrix[1][1]         1.0000000000 
_pdbx_struct_oper_list.matrix[1][2]         0.0000000000 
_pdbx_struct_oper_list.matrix[1][3]         0.0000000000 
_pdbx_struct_oper_list.vector[1]            0.0000000000 
_pdbx_struct_oper_list.matrix[2][1]         0.0000000000 
_pdbx_struct_oper_list.matrix[2][2]         1.0000000000 
_pdbx_struct_oper_list.matrix[2][3]         0.0000000000 
_pdbx_struct_oper_list.vector[2]            0.0000000000 
_pdbx_struct_oper_list.matrix[3][1]         0.0000000000 
_pdbx_struct_oper_list.matrix[3][2]         0.0000000000 
_pdbx_struct_oper_list.matrix[3][3]         1.0000000000 
_pdbx_struct_oper_list.vector[3]            0.0000000000 
# 
_struct_biol.id                    1 
_struct_biol.pdbx_parent_biol_id   ? 
_struct_biol.details               ? 
# 
loop_
_struct_conf.conf_type_id 
_struct_conf.id 
_struct_conf.pdbx_PDB_helix_id 
_struct_conf.beg_label_comp_id 
_struct_conf.beg_label_asym_id 
_struct_conf.beg_label_seq_id 
_struct_conf.pdbx_beg_PDB_ins_code 
_struct_conf.end_label_comp_id 
_struct_conf.end_label_asym_id 
_struct_conf.end_label_seq_id 
_struct_conf.pdbx_end_PDB_ins_code 
_struct_conf.beg_auth_comp_id 
_struct_conf.beg_auth_asym_id 
_struct_conf.beg_auth_seq_id 
_struct_conf.end_auth_comp_id 
_struct_conf.end_auth_asym_id 
_struct_conf.end_auth_seq_id 
_struct_conf.pdbx_PDB_helix_class 
_struct_conf.details 
_struct_conf.pdbx_PDB_helix_length 
HELX_P HELX_P1 1 ASP A 6  ? SER A 14 ? ASP A 6  SER A 14 1 ? 9  
HELX_P HELX_P2 2 VAL A 20 ? GLY A 31 ? VAL A 20 GLY A 31 1 ? 12 
HELX_P HELX_P3 3 THR A 35 ? GLN A 42 ? THR A 35 GLN A 42 1 ? 8  
HELX_P HELX_P4 4 LYS A 46 ? GLY A 61 ? LYS A 46 GLY A 61 1 ? 16 
HELX_P HELX_P5 5 ASN A 83 ? ASN A 88 ? ASN A 83 ASN A 88 1 ? 6  
# 
_struct_conf_type.id          HELX_P 
_struct_conf_type.criteria    ? 
_struct_conf_type.reference   ? 
# 
_struct_sheet.id               A 
_struct_sheet.type             ? 
_struct_sheet.number_strands   2 
_struct_sheet.details          ? 
# 
_struct_sheet_order.sheet_id     A 
_struct_sheet_order.range_id_1   1 
_struct_sheet_order.range_id_2   2 
_struct_sheet_order.offset       ? 
_struct_sheet_order.sense        anti-parallel 
# 
loop_
_struct_sheet_range.sheet_id 
_struct_sheet_range.id 
_struct_sheet_range.beg_label_comp_id 
_struct_sheet_range.beg_label_asym_id 
_struct_sheet_range.beg_label_seq_id 
_struct_sheet_range.pdbx_beg_PDB_ins_code 
_struct_sheet_range.end_label_comp_id 
_struct_sheet_range.end_label_asym_id 
_struct_sheet_range.end_label_seq_id 
_struct_sheet_range.pdbx_end_PDB_ins_code 
_struct_sheet_range.beg_auth_comp_id 
_struct_sheet_range.beg_auth_asym_id 
_struct_sheet_range.beg_auth_seq_id 
_struct_sheet_range.end_auth_comp_id 
_struct_sheet_range.end_auth_asym_id 
_struct_sheet_range.end_auth_seq_id 
A 1 SER A 64 ? THR A 68 ? SER A 64 THR A 68 
A 2 ILE A 77 ? LYS A 81 ? ILE A 77 LYS A 81 
# 
_pdbx_struct_sheet_hbond.sheet_id                A 
_pdbx_struct_sheet_hbond.range_id_1              1 
_pdbx_struct_sheet_hbond.range_id_2              2 
_pdbx_struct_sheet_hbond.range_1_label_atom_id   N 
_pdbx_struct_sheet_hbond.range_1_label_comp_id   THR 
_pdbx_struct_sheet_hbond.range_1_label_asym_id   A 
_pdbx_struct_sheet_hbond.range_1_label_seq_id    68 
_pdbx_struct_sheet_hbond.range_1_PDB_ins_code    ? 
_pdbx_struct_sheet_hbond.range_1_auth_atom_id    N 
_pdbx_struct_sheet_hbond.range_1_auth_comp_id    THR 
_pdbx_struct_sheet_hbond.range_1_auth_asym_id    A 
_pdbx_struct_sheet_hbond.range_1_auth_seq_id     68 
_pdbx_struct_sheet_hbond.range_2_label_atom_id   O 
_pdbx_struct_sheet_hbond.range_2_label_comp_id   ILE 
_pdbx_struct_sheet_hbond.range_2_label_asym_id   A 
_pdbx_struct_sheet_hbond.range_2_label_seq_id    77 
_pdbx_struct_sheet_hbond.range_2_PDB_ins_code    ? 
_pdbx_struct_sheet_hbond.range_2_auth_atom_id    O 
_pdbx_struct_sheet_hbond.range_2_auth_comp_id    ILE 
_pdbx_struct_sheet_hbond.range_2_auth_asym_id    A 
_pdbx_struct_sheet_hbond.range_2_auth_seq_id     77 
# 
loop_
_pdbx_validate_torsion.id 
_pdbx_validate_torsion.PDB_model_num 
_pdbx_validate_torsion.auth_comp_id 
_pdbx_validate_torsion.auth_asym_id 
_pdbx_validate_torsion.auth_seq_id 
_pdbx_validate_torsion.PDB_ins_code 
_pdbx_validate_torsion.label_alt_id 
_pdbx_validate_torsion.phi 
_pdbx_validate_torsion.psi 
1  1 VAL A 2  ? ? 72.48   -72.82  
2  1 ASP A 6  ? ? -133.76 -43.65  
3  1 SER A 14 ? ? -52.57  -1.44   
4  1 LEU A 16 ? ? -120.27 -160.60 
5  1 ASP A 18 ? ? -141.04 -25.47  
6  1 ARG A 25 ? ? -57.85  -72.76  
7  1 GLU A 33 ? ? -37.71  146.44  
8  1 ASP A 36 ? ? -20.07  -51.16  
9  1 GLU A 37 ? ? -48.28  -70.56  
10 1 GLN A 42 ? ? -80.66  30.89   
11 1 LEU A 43 ? ? -143.37 -42.27  
12 1 ASN A 44 ? ? 81.30   97.30   
13 1 ILE A 45 ? ? 179.03  154.59  
14 1 TRP A 75 ? ? 123.68  117.33  
15 1 ASN A 83 ? ? -75.97  35.36   
# 
loop_
_pdbx_unobs_or_zero_occ_residues.id 
_pdbx_unobs_or_zero_occ_residues.PDB_model_num 
_pdbx_unobs_or_zero_occ_residues.polymer_flag 
_pdbx_unobs_or_zero_occ_residues.occupancy_flag 
_pdbx_unobs_or_zero_occ_residues.auth_asym_id 
_pdbx_unobs_or_zero_occ_residues.auth_comp_id 
_pdbx_unobs_or_zero_occ_residues.auth_seq_id 
_pdbx_unobs_or_zero_occ_residues.PDB_ins_code 
_pdbx_unobs_or_zero_occ_residues.label_asym_id 
_pdbx_unobs_or_zero_occ_residues.label_comp_id 
_pdbx_unobs_or_zero_occ_residues.label_seq_id 
1  1 Y 1 A ASP 70  ? A ASP 70  
2  1 Y 1 A LYS 71  ? A LYS 71  
3  1 Y 1 A ASP 72  ? A ASP 72  
4  1 Y 1 A GLU 89  ? A GLU 89  
5  1 Y 1 A ILE 90  ? A ILE 90  
6  1 Y 1 A LEU 91  ? A LEU 91  
7  1 Y 1 A LEU 92  ? A LEU 92  
8  1 Y 1 A ASN 93  ? A ASN 93  
9  1 Y 1 A ARG 94  ? A ARG 94  
10 1 Y 1 A LYS 95  ? A LYS 95  
11 1 Y 1 A ARG 96  ? A ARG 96  
12 1 Y 1 A LEU 97  ? A LEU 97  
13 1 Y 1 A ILE 98  ? A ILE 98  
14 1 Y 1 A LEU 99  ? A LEU 99  
15 1 Y 1 A ASP 100 ? A ASP 100 
16 1 Y 1 A LYS 101 ? A LYS 101 
17 1 Y 1 A LEU 102 ? A LEU 102 
18 1 Y 1 A LYS 103 ? A LYS 103 
19 1 Y 1 A THR 104 ? A THR 104 
20 1 Y 1 A ARG 105 ? A ARG 105 
21 1 Y 1 A LEU 106 ? A LEU 106 
22 1 Y 1 A GLU 107 ? A GLU 107 
23 1 Y 1 A TYR 108 ? A TYR 108 
24 1 Y 1 A GLU 109 ? A GLU 109 
25 1 Y 1 A LYS 110 ? A LYS 110 
# 
loop_
_chem_comp_atom.comp_id 
_chem_comp_atom.atom_id 
_chem_comp_atom.type_symbol 
_chem_comp_atom.pdbx_aromatic_flag 
_chem_comp_atom.pdbx_stereo_config 
_chem_comp_atom.pdbx_ordinal 
ALA N    N N N 1   
ALA CA   C N S 2   
ALA C    C N N 3   
ALA O    O N N 4   
ALA CB   C N N 5   
ALA OXT  O N N 6   
ALA H    H N N 7   
ALA H2   H N N 8   
ALA HA   H N N 9   
ALA HB1  H N N 10  
ALA HB2  H N N 11  
ALA HB3  H N N 12  
ALA HXT  H N N 13  
ARG N    N N N 14  
ARG CA   C N S 15  
ARG C    C N N 16  
ARG O    O N N 17  
ARG CB   C N N 18  
ARG CG   C N N 19  
ARG CD   C N N 20  
ARG NE   N N N 21  
ARG CZ   C N N 22  
ARG NH1  N N N 23  
ARG NH2  N N N 24  
ARG OXT  O N N 25  
ARG H    H N N 26  
ARG H2   H N N 27  
ARG HA   H N N 28  
ARG HB2  H N N 29  
ARG HB3  H N N 30  
ARG HG2  H N N 31  
ARG HG3  H N N 32  
ARG HD2  H N N 33  
ARG HD3  H N N 34  
ARG HE   H N N 35  
ARG HH11 H N N 36  
ARG HH12 H N N 37  
ARG HH21 H N N 38  
ARG HH22 H N N 39  
ARG HXT  H N N 40  
ASN N    N N N 41  
ASN CA   C N S 42  
ASN C    C N N 43  
ASN O    O N N 44  
ASN CB   C N N 45  
ASN CG   C N N 46  
ASN OD1  O N N 47  
ASN ND2  N N N 48  
ASN OXT  O N N 49  
ASN H    H N N 50  
ASN H2   H N N 51  
ASN HA   H N N 52  
ASN HB2  H N N 53  
ASN HB3  H N N 54  
ASN HD21 H N N 55  
ASN HD22 H N N 56  
ASN HXT  H N N 57  
ASP N    N N N 58  
ASP CA   C N S 59  
ASP C    C N N 60  
ASP O    O N N 61  
ASP CB   C N N 62  
ASP CG   C N N 63  
ASP OD1  O N N 64  
ASP OD2  O N N 65  
ASP OXT  O N N 66  
ASP H    H N N 67  
ASP H2   H N N 68  
ASP HA   H N N 69  
ASP HB2  H N N 70  
ASP HB3  H N N 71  
ASP HD2  H N N 72  
ASP HXT  H N N 73  
GLN N    N N N 74  
GLN CA   C N S 75  
GLN C    C N N 76  
GLN O    O N N 77  
GLN CB   C N N 78  
GLN CG   C N N 79  
GLN CD   C N N 80  
GLN OE1  O N N 81  
GLN NE2  N N N 82  
GLN OXT  O N N 83  
GLN H    H N N 84  
GLN H2   H N N 85  
GLN HA   H N N 86  
GLN HB2  H N N 87  
GLN HB3  H N N 88  
GLN HG2  H N N 89  
GLN HG3  H N N 90  
GLN HE21 H N N 91  
GLN HE22 H N N 92  
GLN HXT  H N N 93  
GLU N    N N N 94  
GLU CA   C N S 95  
GLU C    C N N 96  
GLU O    O N N 97  
GLU CB   C N N 98  
GLU CG   C N N 99  
GLU CD   C N N 100 
GLU OE1  O N N 101 
GLU OE2  O N N 102 
GLU OXT  O N N 103 
GLU H    H N N 104 
GLU H2   H N N 105 
GLU HA   H N N 106 
GLU HB2  H N N 107 
GLU HB3  H N N 108 
GLU HG2  H N N 109 
GLU HG3  H N N 110 
GLU HE2  H N N 111 
GLU HXT  H N N 112 
GLY N    N N N 113 
GLY CA   C N N 114 
GLY C    C N N 115 
GLY O    O N N 116 
GLY OXT  O N N 117 
GLY H    H N N 118 
GLY H2   H N N 119 
GLY HA2  H N N 120 
GLY HA3  H N N 121 
GLY HXT  H N N 122 
ILE N    N N N 123 
ILE CA   C N S 124 
ILE C    C N N 125 
ILE O    O N N 126 
ILE CB   C N S 127 
ILE CG1  C N N 128 
ILE CG2  C N N 129 
ILE CD1  C N N 130 
ILE OXT  O N N 131 
ILE H    H N N 132 
ILE H2   H N N 133 
ILE HA   H N N 134 
ILE HB   H N N 135 
ILE HG12 H N N 136 
ILE HG13 H N N 137 
ILE HG21 H N N 138 
ILE HG22 H N N 139 
ILE HG23 H N N 140 
ILE HD11 H N N 141 
ILE HD12 H N N 142 
ILE HD13 H N N 143 
ILE HXT  H N N 144 
LEU N    N N N 145 
LEU CA   C N S 146 
LEU C    C N N 147 
LEU O    O N N 148 
LEU CB   C N N 149 
LEU CG   C N N 150 
LEU CD1  C N N 151 
LEU CD2  C N N 152 
LEU OXT  O N N 153 
LEU H    H N N 154 
LEU H2   H N N 155 
LEU HA   H N N 156 
LEU HB2  H N N 157 
LEU HB3  H N N 158 
LEU HG   H N N 159 
LEU HD11 H N N 160 
LEU HD12 H N N 161 
LEU HD13 H N N 162 
LEU HD21 H N N 163 
LEU HD22 H N N 164 
LEU HD23 H N N 165 
LEU HXT  H N N 166 
LYS N    N N N 167 
LYS CA   C N S 168 
LYS C    C N N 169 
LYS O    O N N 170 
LYS CB   C N N 171 
LYS CG   C N N 172 
LYS CD   C N N 173 
LYS CE   C N N 174 
LYS NZ   N N N 175 
LYS OXT  O N N 176 
LYS H    H N N 177 
LYS H2   H N N 178 
LYS HA   H N N 179 
LYS HB2  H N N 180 
LYS HB3  H N N 181 
LYS HG2  H N N 182 
LYS HG3  H N N 183 
LYS HD2  H N N 184 
LYS HD3  H N N 185 
LYS HE2  H N N 186 
LYS HE3  H N N 187 
LYS HZ1  H N N 188 
LYS HZ2  H N N 189 
LYS HZ3  H N N 190 
LYS HXT  H N N 191 
MET N    N N N 192 
MET CA   C N S 193 
MET C    C N N 194 
MET O    O N N 195 
MET CB   C N N 196 
MET CG   C N N 197 
MET SD   S N N 198 
MET CE   C N N 199 
MET OXT  O N N 200 
MET H    H N N 201 
MET H2   H N N 202 
MET HA   H N N 203 
MET HB2  H N N 204 
MET HB3  H N N 205 
MET HG2  H N N 206 
MET HG3  H N N 207 
MET HE1  H N N 208 
MET HE2  H N N 209 
MET HE3  H N N 210 
MET HXT  H N N 211 
PHE N    N N N 212 
PHE CA   C N S 213 
PHE C    C N N 214 
PHE O    O N N 215 
PHE CB   C N N 216 
PHE CG   C Y N 217 
PHE CD1  C Y N 218 
PHE CD2  C Y N 219 
PHE CE1  C Y N 220 
PHE CE2  C Y N 221 
PHE CZ   C Y N 222 
PHE OXT  O N N 223 
PHE H    H N N 224 
PHE H2   H N N 225 
PHE HA   H N N 226 
PHE HB2  H N N 227 
PHE HB3  H N N 228 
PHE HD1  H N N 229 
PHE HD2  H N N 230 
PHE HE1  H N N 231 
PHE HE2  H N N 232 
PHE HZ   H N N 233 
PHE HXT  H N N 234 
PRO N    N N N 235 
PRO CA   C N S 236 
PRO C    C N N 237 
PRO O    O N N 238 
PRO CB   C N N 239 
PRO CG   C N N 240 
PRO CD   C N N 241 
PRO OXT  O N N 242 
PRO H    H N N 243 
PRO HA   H N N 244 
PRO HB2  H N N 245 
PRO HB3  H N N 246 
PRO HG2  H N N 247 
PRO HG3  H N N 248 
PRO HD2  H N N 249 
PRO HD3  H N N 250 
PRO HXT  H N N 251 
SER N    N N N 252 
SER CA   C N S 253 
SER C    C N N 254 
SER O    O N N 255 
SER CB   C N N 256 
SER OG   O N N 257 
SER OXT  O N N 258 
SER H    H N N 259 
SER H2   H N N 260 
SER HA   H N N 261 
SER HB2  H N N 262 
SER HB3  H N N 263 
SER HG   H N N 264 
SER HXT  H N N 265 
THR N    N N N 266 
THR CA   C N S 267 
THR C    C N N 268 
THR O    O N N 269 
THR CB   C N R 270 
THR OG1  O N N 271 
THR CG2  C N N 272 
THR OXT  O N N 273 
THR H    H N N 274 
THR H2   H N N 275 
THR HA   H N N 276 
THR HB   H N N 277 
THR HG1  H N N 278 
THR HG21 H N N 279 
THR HG22 H N N 280 
THR HG23 H N N 281 
THR HXT  H N N 282 
TRP N    N N N 283 
TRP CA   C N S 284 
TRP C    C N N 285 
TRP O    O N N 286 
TRP CB   C N N 287 
TRP CG   C Y N 288 
TRP CD1  C Y N 289 
TRP CD2  C Y N 290 
TRP NE1  N Y N 291 
TRP CE2  C Y N 292 
TRP CE3  C Y N 293 
TRP CZ2  C Y N 294 
TRP CZ3  C Y N 295 
TRP CH2  C Y N 296 
TRP OXT  O N N 297 
TRP H    H N N 298 
TRP H2   H N N 299 
TRP HA   H N N 300 
TRP HB2  H N N 301 
TRP HB3  H N N 302 
TRP HD1  H N N 303 
TRP HE1  H N N 304 
TRP HE3  H N N 305 
TRP HZ2  H N N 306 
TRP HZ3  H N N 307 
TRP HH2  H N N 308 
TRP HXT  H N N 309 
TYR N    N N N 310 
TYR CA   C N S 311 
TYR C    C N N 312 
TYR O    O N N 313 
TYR CB   C N N 314 
TYR CG   C Y N 315 
TYR CD1  C Y N 316 
TYR CD2  C Y N 317 
TYR CE1  C Y N 318 
TYR CE2  C Y N 319 
TYR CZ   C Y N 320 
TYR OH   O N N 321 
TYR OXT  O N N 322 
TYR H    H N N 323 
TYR H2   H N N 324 
TYR HA   H N N 325 
TYR HB2  H N N 326 
TYR HB3  H N N 327 
TYR HD1  H N N 328 
TYR HD2  H N N 329 
TYR HE1  H N N 330 
TYR HE2  H N N 331 
TYR HH   H N N 332 
TYR HXT  H N N 333 
VAL N    N N N 334 
VAL CA   C N S 335 
VAL C    C N N 336 
VAL O    O N N 337 
VAL CB   C N N 338 
VAL CG1  C N N 339 
VAL CG2  C N N 340 
VAL OXT  O N N 341 
VAL H    H N N 342 
VAL H2   H N N 343 
VAL HA   H N N 344 
VAL HB   H N N 345 
VAL HG11 H N N 346 
VAL HG12 H N N 347 
VAL HG13 H N N 348 
VAL HG21 H N N 349 
VAL HG22 H N N 350 
VAL HG23 H N N 351 
VAL HXT  H N N 352 
# 
loop_
_chem_comp_bond.comp_id 
_chem_comp_bond.atom_id_1 
_chem_comp_bond.atom_id_2 
_chem_comp_bond.value_order 
_chem_comp_bond.pdbx_aromatic_flag 
_chem_comp_bond.pdbx_stereo_config 
_chem_comp_bond.pdbx_ordinal 
ALA N   CA   sing N N 1   
ALA N   H    sing N N 2   
ALA N   H2   sing N N 3   
ALA CA  C    sing N N 4   
ALA CA  CB   sing N N 5   
ALA CA  HA   sing N N 6   
ALA C   O    doub N N 7   
ALA C   OXT  sing N N 8   
ALA CB  HB1  sing N N 9   
ALA CB  HB2  sing N N 10  
ALA CB  HB3  sing N N 11  
ALA OXT HXT  sing N N 12  
ARG N   CA   sing N N 13  
ARG N   H    sing N N 14  
ARG N   H2   sing N N 15  
ARG CA  C    sing N N 16  
ARG CA  CB   sing N N 17  
ARG CA  HA   sing N N 18  
ARG C   O    doub N N 19  
ARG C   OXT  sing N N 20  
ARG CB  CG   sing N N 21  
ARG CB  HB2  sing N N 22  
ARG CB  HB3  sing N N 23  
ARG CG  CD   sing N N 24  
ARG CG  HG2  sing N N 25  
ARG CG  HG3  sing N N 26  
ARG CD  NE   sing N N 27  
ARG CD  HD2  sing N N 28  
ARG CD  HD3  sing N N 29  
ARG NE  CZ   sing N N 30  
ARG NE  HE   sing N N 31  
ARG CZ  NH1  sing N N 32  
ARG CZ  NH2  doub N N 33  
ARG NH1 HH11 sing N N 34  
ARG NH1 HH12 sing N N 35  
ARG NH2 HH21 sing N N 36  
ARG NH2 HH22 sing N N 37  
ARG OXT HXT  sing N N 38  
ASN N   CA   sing N N 39  
ASN N   H    sing N N 40  
ASN N   H2   sing N N 41  
ASN CA  C    sing N N 42  
ASN CA  CB   sing N N 43  
ASN CA  HA   sing N N 44  
ASN C   O    doub N N 45  
ASN C   OXT  sing N N 46  
ASN CB  CG   sing N N 47  
ASN CB  HB2  sing N N 48  
ASN CB  HB3  sing N N 49  
ASN CG  OD1  doub N N 50  
ASN CG  ND2  sing N N 51  
ASN ND2 HD21 sing N N 52  
ASN ND2 HD22 sing N N 53  
ASN OXT HXT  sing N N 54  
ASP N   CA   sing N N 55  
ASP N   H    sing N N 56  
ASP N   H2   sing N N 57  
ASP CA  C    sing N N 58  
ASP CA  CB   sing N N 59  
ASP CA  HA   sing N N 60  
ASP C   O    doub N N 61  
ASP C   OXT  sing N N 62  
ASP CB  CG   sing N N 63  
ASP CB  HB2  sing N N 64  
ASP CB  HB3  sing N N 65  
ASP CG  OD1  doub N N 66  
ASP CG  OD2  sing N N 67  
ASP OD2 HD2  sing N N 68  
ASP OXT HXT  sing N N 69  
GLN N   CA   sing N N 70  
GLN N   H    sing N N 71  
GLN N   H2   sing N N 72  
GLN CA  C    sing N N 73  
GLN CA  CB   sing N N 74  
GLN CA  HA   sing N N 75  
GLN C   O    doub N N 76  
GLN C   OXT  sing N N 77  
GLN CB  CG   sing N N 78  
GLN CB  HB2  sing N N 79  
GLN CB  HB3  sing N N 80  
GLN CG  CD   sing N N 81  
GLN CG  HG2  sing N N 82  
GLN CG  HG3  sing N N 83  
GLN CD  OE1  doub N N 84  
GLN CD  NE2  sing N N 85  
GLN NE2 HE21 sing N N 86  
GLN NE2 HE22 sing N N 87  
GLN OXT HXT  sing N N 88  
GLU N   CA   sing N N 89  
GLU N   H    sing N N 90  
GLU N   H2   sing N N 91  
GLU CA  C    sing N N 92  
GLU CA  CB   sing N N 93  
GLU CA  HA   sing N N 94  
GLU C   O    doub N N 95  
GLU C   OXT  sing N N 96  
GLU CB  CG   sing N N 97  
GLU CB  HB2  sing N N 98  
GLU CB  HB3  sing N N 99  
GLU CG  CD   sing N N 100 
GLU CG  HG2  sing N N 101 
GLU CG  HG3  sing N N 102 
GLU CD  OE1  doub N N 103 
GLU CD  OE2  sing N N 104 
GLU OE2 HE2  sing N N 105 
GLU OXT HXT  sing N N 106 
GLY N   CA   sing N N 107 
GLY N   H    sing N N 108 
GLY N   H2   sing N N 109 
GLY CA  C    sing N N 110 
GLY CA  HA2  sing N N 111 
GLY CA  HA3  sing N N 112 
GLY C   O    doub N N 113 
GLY C   OXT  sing N N 114 
GLY OXT HXT  sing N N 115 
ILE N   CA   sing N N 116 
ILE N   H    sing N N 117 
ILE N   H2   sing N N 118 
ILE CA  C    sing N N 119 
ILE CA  CB   sing N N 120 
ILE CA  HA   sing N N 121 
ILE C   O    doub N N 122 
ILE C   OXT  sing N N 123 
ILE CB  CG1  sing N N 124 
ILE CB  CG2  sing N N 125 
ILE CB  HB   sing N N 126 
ILE CG1 CD1  sing N N 127 
ILE CG1 HG12 sing N N 128 
ILE CG1 HG13 sing N N 129 
ILE CG2 HG21 sing N N 130 
ILE CG2 HG22 sing N N 131 
ILE CG2 HG23 sing N N 132 
ILE CD1 HD11 sing N N 133 
ILE CD1 HD12 sing N N 134 
ILE CD1 HD13 sing N N 135 
ILE OXT HXT  sing N N 136 
LEU N   CA   sing N N 137 
LEU N   H    sing N N 138 
LEU N   H2   sing N N 139 
LEU CA  C    sing N N 140 
LEU CA  CB   sing N N 141 
LEU CA  HA   sing N N 142 
LEU C   O    doub N N 143 
LEU C   OXT  sing N N 144 
LEU CB  CG   sing N N 145 
LEU CB  HB2  sing N N 146 
LEU CB  HB3  sing N N 147 
LEU CG  CD1  sing N N 148 
LEU CG  CD2  sing N N 149 
LEU CG  HG   sing N N 150 
LEU CD1 HD11 sing N N 151 
LEU CD1 HD12 sing N N 152 
LEU CD1 HD13 sing N N 153 
LEU CD2 HD21 sing N N 154 
LEU CD2 HD22 sing N N 155 
LEU CD2 HD23 sing N N 156 
LEU OXT HXT  sing N N 157 
LYS N   CA   sing N N 158 
LYS N   H    sing N N 159 
LYS N   H2   sing N N 160 
LYS CA  C    sing N N 161 
LYS CA  CB   sing N N 162 
LYS CA  HA   sing N N 163 
LYS C   O    doub N N 164 
LYS C   OXT  sing N N 165 
LYS CB  CG   sing N N 166 
LYS CB  HB2  sing N N 167 
LYS CB  HB3  sing N N 168 
LYS CG  CD   sing N N 169 
LYS CG  HG2  sing N N 170 
LYS CG  HG3  sing N N 171 
LYS CD  CE   sing N N 172 
LYS CD  HD2  sing N N 173 
LYS CD  HD3  sing N N 174 
LYS CE  NZ   sing N N 175 
LYS CE  HE2  sing N N 176 
LYS CE  HE3  sing N N 177 
LYS NZ  HZ1  sing N N 178 
LYS NZ  HZ2  sing N N 179 
LYS NZ  HZ3  sing N N 180 
LYS OXT HXT  sing N N 181 
MET N   CA   sing N N 182 
MET N   H    sing N N 183 
MET N   H2   sing N N 184 
MET CA  C    sing N N 185 
MET CA  CB   sing N N 186 
MET CA  HA   sing N N 187 
MET C   O    doub N N 188 
MET C   OXT  sing N N 189 
MET CB  CG   sing N N 190 
MET CB  HB2  sing N N 191 
MET CB  HB3  sing N N 192 
MET CG  SD   sing N N 193 
MET CG  HG2  sing N N 194 
MET CG  HG3  sing N N 195 
MET SD  CE   sing N N 196 
MET CE  HE1  sing N N 197 
MET CE  HE2  sing N N 198 
MET CE  HE3  sing N N 199 
MET OXT HXT  sing N N 200 
PHE N   CA   sing N N 201 
PHE N   H    sing N N 202 
PHE N   H2   sing N N 203 
PHE CA  C    sing N N 204 
PHE CA  CB   sing N N 205 
PHE CA  HA   sing N N 206 
PHE C   O    doub N N 207 
PHE C   OXT  sing N N 208 
PHE CB  CG   sing N N 209 
PHE CB  HB2  sing N N 210 
PHE CB  HB3  sing N N 211 
PHE CG  CD1  doub Y N 212 
PHE CG  CD2  sing Y N 213 
PHE CD1 CE1  sing Y N 214 
PHE CD1 HD1  sing N N 215 
PHE CD2 CE2  doub Y N 216 
PHE CD2 HD2  sing N N 217 
PHE CE1 CZ   doub Y N 218 
PHE CE1 HE1  sing N N 219 
PHE CE2 CZ   sing Y N 220 
PHE CE2 HE2  sing N N 221 
PHE CZ  HZ   sing N N 222 
PHE OXT HXT  sing N N 223 
PRO N   CA   sing N N 224 
PRO N   CD   sing N N 225 
PRO N   H    sing N N 226 
PRO CA  C    sing N N 227 
PRO CA  CB   sing N N 228 
PRO CA  HA   sing N N 229 
PRO C   O    doub N N 230 
PRO C   OXT  sing N N 231 
PRO CB  CG   sing N N 232 
PRO CB  HB2  sing N N 233 
PRO CB  HB3  sing N N 234 
PRO CG  CD   sing N N 235 
PRO CG  HG2  sing N N 236 
PRO CG  HG3  sing N N 237 
PRO CD  HD2  sing N N 238 
PRO CD  HD3  sing N N 239 
PRO OXT HXT  sing N N 240 
SER N   CA   sing N N 241 
SER N   H    sing N N 242 
SER N   H2   sing N N 243 
SER CA  C    sing N N 244 
SER CA  CB   sing N N 245 
SER CA  HA   sing N N 246 
SER C   O    doub N N 247 
SER C   OXT  sing N N 248 
SER CB  OG   sing N N 249 
SER CB  HB2  sing N N 250 
SER CB  HB3  sing N N 251 
SER OG  HG   sing N N 252 
SER OXT HXT  sing N N 253 
THR N   CA   sing N N 254 
THR N   H    sing N N 255 
THR N   H2   sing N N 256 
THR CA  C    sing N N 257 
THR CA  CB   sing N N 258 
THR CA  HA   sing N N 259 
THR C   O    doub N N 260 
THR C   OXT  sing N N 261 
THR CB  OG1  sing N N 262 
THR CB  CG2  sing N N 263 
THR CB  HB   sing N N 264 
THR OG1 HG1  sing N N 265 
THR CG2 HG21 sing N N 266 
THR CG2 HG22 sing N N 267 
THR CG2 HG23 sing N N 268 
THR OXT HXT  sing N N 269 
TRP N   CA   sing N N 270 
TRP N   H    sing N N 271 
TRP N   H2   sing N N 272 
TRP CA  C    sing N N 273 
TRP CA  CB   sing N N 274 
TRP CA  HA   sing N N 275 
TRP C   O    doub N N 276 
TRP C   OXT  sing N N 277 
TRP CB  CG   sing N N 278 
TRP CB  HB2  sing N N 279 
TRP CB  HB3  sing N N 280 
TRP CG  CD1  doub Y N 281 
TRP CG  CD2  sing Y N 282 
TRP CD1 NE1  sing Y N 283 
TRP CD1 HD1  sing N N 284 
TRP CD2 CE2  doub Y N 285 
TRP CD2 CE3  sing Y N 286 
TRP NE1 CE2  sing Y N 287 
TRP NE1 HE1  sing N N 288 
TRP CE2 CZ2  sing Y N 289 
TRP CE3 CZ3  doub Y N 290 
TRP CE3 HE3  sing N N 291 
TRP CZ2 CH2  doub Y N 292 
TRP CZ2 HZ2  sing N N 293 
TRP CZ3 CH2  sing Y N 294 
TRP CZ3 HZ3  sing N N 295 
TRP CH2 HH2  sing N N 296 
TRP OXT HXT  sing N N 297 
TYR N   CA   sing N N 298 
TYR N   H    sing N N 299 
TYR N   H2   sing N N 300 
TYR CA  C    sing N N 301 
TYR CA  CB   sing N N 302 
TYR CA  HA   sing N N 303 
TYR C   O    doub N N 304 
TYR C   OXT  sing N N 305 
TYR CB  CG   sing N N 306 
TYR CB  HB2  sing N N 307 
TYR CB  HB3  sing N N 308 
TYR CG  CD1  doub Y N 309 
TYR CG  CD2  sing Y N 310 
TYR CD1 CE1  sing Y N 311 
TYR CD1 HD1  sing N N 312 
TYR CD2 CE2  doub Y N 313 
TYR CD2 HD2  sing N N 314 
TYR CE1 CZ   doub Y N 315 
TYR CE1 HE1  sing N N 316 
TYR CE2 CZ   sing Y N 317 
TYR CE2 HE2  sing N N 318 
TYR CZ  OH   sing N N 319 
TYR OH  HH   sing N N 320 
TYR OXT HXT  sing N N 321 
VAL N   CA   sing N N 322 
VAL N   H    sing N N 323 
VAL N   H2   sing N N 324 
VAL CA  C    sing N N 325 
VAL CA  CB   sing N N 326 
VAL CA  HA   sing N N 327 
VAL C   O    doub N N 328 
VAL C   OXT  sing N N 329 
VAL CB  CG1  sing N N 330 
VAL CB  CG2  sing N N 331 
VAL CB  HB   sing N N 332 
VAL CG1 HG11 sing N N 333 
VAL CG1 HG12 sing N N 334 
VAL CG1 HG13 sing N N 335 
VAL CG2 HG21 sing N N 336 
VAL CG2 HG22 sing N N 337 
VAL CG2 HG23 sing N N 338 
VAL OXT HXT  sing N N 339 
# 
_atom_sites.entry_id                    1Q1H 
_atom_sites.fract_transf_matrix[1][1]   0.00100640 
_atom_sites.fract_transf_matrix[1][2]   0.00517926 
_atom_sites.fract_transf_matrix[1][3]   0.01665328 
_atom_sites.fract_transf_matrix[2][1]   -0.01455116 
_atom_sites.fract_transf_matrix[2][2]   0.00401568 
_atom_sites.fract_transf_matrix[2][3]   0.00879228 
_atom_sites.fract_transf_matrix[3][1]   -0.00087087 
_atom_sites.fract_transf_matrix[3][2]   -0.01025169 
_atom_sites.fract_transf_matrix[3][3]   0.00324096 
_atom_sites.fract_transf_vector[1]      0.384075 
_atom_sites.fract_transf_vector[2]      0.196797 
_atom_sites.fract_transf_vector[3]      0.271925 
# 
loop_
_atom_type.symbol 
C 
N 
O 
S 
# 
loop_
_atom_site.group_PDB 
_atom_site.id 
_atom_site.type_symbol 
_atom_site.label_atom_id 
_atom_site.label_alt_id 
_atom_site.label_comp_id 
_atom_site.label_asym_id 
_atom_site.label_entity_id 
_atom_site.label_seq_id 
_atom_site.pdbx_PDB_ins_code 
_atom_site.Cartn_x 
_atom_site.Cartn_y 
_atom_site.Cartn_z 
_atom_site.occupancy 
_atom_site.B_iso_or_equiv 
_atom_site.pdbx_formal_charge 
_atom_site.auth_seq_id 
_atom_site.auth_comp_id 
_atom_site.auth_asym_id 
_atom_site.auth_atom_id 
_atom_site.pdbx_PDB_model_num 
ATOM 1   N N   . MET A 1 1  ? -14.673 -10.671 7.948   1.00 75.06 ? 1  MET A N   1 
ATOM 2   C CA  . MET A 1 1  ? -13.820 -9.457  8.047   1.00 80.55 ? 1  MET A CA  1 
ATOM 3   C C   . MET A 1 1  ? -14.579 -8.319  8.723   1.00 80.32 ? 1  MET A C   1 
ATOM 4   O O   . MET A 1 1  ? -14.809 -8.357  9.934   1.00 81.22 ? 1  MET A O   1 
ATOM 5   C CB  . MET A 1 1  ? -13.371 -9.031  6.651   1.00 83.55 ? 1  MET A CB  1 
ATOM 6   C CG  . MET A 1 1  ? -12.373 -7.892  6.641   1.00 90.49 ? 1  MET A CG  1 
ATOM 7   S SD  . MET A 1 1  ? -11.501 -7.790  5.073   1.00 95.03 ? 1  MET A SD  1 
ATOM 8   C CE  . MET A 1 1  ? -10.748 -9.408  4.997   1.00 89.80 ? 1  MET A CE  1 
ATOM 9   N N   . VAL A 1 2  ? -14.964 -7.312  7.938   1.00 79.30 ? 2  VAL A N   1 
ATOM 10  C CA  . VAL A 1 2  ? -15.712 -6.156  8.448   1.00 77.95 ? 2  VAL A CA  1 
ATOM 11  C C   . VAL A 1 2  ? -14.835 -5.219  9.299   1.00 79.18 ? 2  VAL A C   1 
ATOM 12  O O   . VAL A 1 2  ? -14.470 -4.113  8.868   1.00 78.06 ? 2  VAL A O   1 
ATOM 13  C CB  . VAL A 1 2  ? -16.951 -6.628  9.277   1.00 75.93 ? 2  VAL A CB  1 
ATOM 14  C CG1 . VAL A 1 2  ? -17.743 -5.436  9.799   1.00 70.51 ? 2  VAL A CG1 1 
ATOM 15  C CG2 . VAL A 1 2  ? -17.834 -7.514  8.412   1.00 70.17 ? 2  VAL A CG2 1 
ATOM 16  N N   . ASN A 1 3  ? -14.498 -5.661  10.506  1.00 77.76 ? 3  ASN A N   1 
ATOM 17  C CA  . ASN A 1 3  ? -13.666 -4.857  11.386  1.00 78.23 ? 3  ASN A CA  1 
ATOM 18  C C   . ASN A 1 3  ? -12.202 -5.169  11.148  1.00 76.92 ? 3  ASN A C   1 
ATOM 19  O O   . ASN A 1 3  ? -11.390 -5.056  12.057  1.00 78.69 ? 3  ASN A O   1 
ATOM 20  C CB  . ASN A 1 3  ? -14.005 -5.137  12.846  1.00 80.03 ? 3  ASN A CB  1 
ATOM 21  C CG  . ASN A 1 3  ? -15.220 -6.014  12.998  1.00 79.61 ? 3  ASN A CG  1 
ATOM 22  O OD1 . ASN A 1 3  ? -16.276 -5.730  12.435  1.00 79.45 ? 3  ASN A OD1 1 
ATOM 23  N ND2 . ASN A 1 3  ? -15.083 -7.088  13.769  1.00 80.58 ? 3  ASN A ND2 1 
ATOM 24  N N   . ALA A 1 4  ? -11.865 -5.573  9.927   1.00 73.86 ? 4  ALA A N   1 
ATOM 25  C CA  . ALA A 1 4  ? -10.480 -5.886  9.602   1.00 74.02 ? 4  ALA A CA  1 
ATOM 26  C C   . ALA A 1 4  ? -9.872  -4.861  8.640   1.00 72.32 ? 4  ALA A C   1 
ATOM 27  O O   . ALA A 1 4  ? -8.658  -4.820  8.465   1.00 71.64 ? 4  ALA A O   1 
ATOM 28  C CB  . ALA A 1 4  ? -10.379 -7.299  9.024   1.00 72.26 ? 4  ALA A CB  1 
ATOM 29  N N   . GLU A 1 5  ? -10.709 -4.038  8.008   1.00 73.39 ? 5  GLU A N   1 
ATOM 30  C CA  . GLU A 1 5  ? -10.194 -3.008  7.106   1.00 72.60 ? 5  GLU A CA  1 
ATOM 31  C C   . GLU A 1 5  ? -9.968  -1.788  7.987   1.00 72.71 ? 5  GLU A C   1 
ATOM 32  O O   . GLU A 1 5  ? -9.809  -0.670  7.509   1.00 73.45 ? 5  GLU A O   1 
ATOM 33  C CB  . GLU A 1 5  ? -11.195 -2.669  5.991   1.00 71.00 ? 5  GLU A CB  1 
ATOM 34  C CG  . GLU A 1 5  ? -10.586 -1.864  4.839   1.00 71.24 ? 5  GLU A CG  1 
ATOM 35  C CD  . GLU A 1 5  ? -11.629 -1.264  3.891   1.00 73.50 ? 5  GLU A CD  1 
ATOM 36  O OE1 . GLU A 1 5  ? -12.454 -0.438  4.345   1.00 74.79 ? 5  GLU A OE1 1 
ATOM 37  O OE2 . GLU A 1 5  ? -11.621 -1.608  2.687   1.00 75.01 ? 5  GLU A OE2 1 
ATOM 38  N N   . ASP A 1 6  ? -9.975  -2.035  9.292   1.00 73.85 ? 6  ASP A N   1 
ATOM 39  C CA  . ASP A 1 6  ? -9.761  -1.010  10.306  1.00 72.69 ? 6  ASP A CA  1 
ATOM 40  C C   . ASP A 1 6  ? -8.762  -1.565  11.319  1.00 71.59 ? 6  ASP A C   1 
ATOM 41  O O   . ASP A 1 6  ? -7.842  -0.877  11.742  1.00 73.74 ? 6  ASP A O   1 
ATOM 42  C CB  . ASP A 1 6  ? -11.082 -0.652  10.997  1.00 72.73 ? 6  ASP A CB  1 
ATOM 43  C CG  . ASP A 1 6  ? -11.998 0.190   10.116  1.00 71.17 ? 6  ASP A CG  1 
ATOM 44  O OD1 . ASP A 1 6  ? -11.518 1.190   9.543   1.00 73.19 ? 6  ASP A OD1 1 
ATOM 45  O OD2 . ASP A 1 6  ? -13.197 -0.136  10.007  1.00 69.03 ? 6  ASP A OD2 1 
ATOM 46  N N   . LEU A 1 7  ? -8.950  -2.818  11.703  1.00 67.98 ? 7  LEU A N   1 
ATOM 47  C CA  . LEU A 1 7  ? -8.036  -3.468  12.629  1.00 67.34 ? 7  LEU A CA  1 
ATOM 48  C C   . LEU A 1 7  ? -6.705  -3.538  11.885  1.00 67.65 ? 7  LEU A C   1 
ATOM 49  O O   . LEU A 1 7  ? -5.665  -3.921  12.436  1.00 65.73 ? 7  LEU A O   1 
ATOM 50  C CB  . LEU A 1 7  ? -8.548  -4.878  12.951  1.00 68.47 ? 7  LEU A CB  1 
ATOM 51  C CG  . LEU A 1 7  ? -7.589  -5.951  13.475  1.00 69.88 ? 7  LEU A CG  1 
ATOM 52  C CD1 . LEU A 1 7  ? -7.001  -5.522  14.814  1.00 70.08 ? 7  LEU A CD1 1 
ATOM 53  C CD2 . LEU A 1 7  ? -8.344  -7.282  13.605  1.00 68.10 ? 7  LEU A CD2 1 
ATOM 54  N N   . PHE A 1 8  ? -6.768  -3.154  10.614  1.00 66.75 ? 8  PHE A N   1 
ATOM 55  C CA  . PHE A 1 8  ? -5.616  -3.153  9.721   1.00 65.86 ? 8  PHE A CA  1 
ATOM 56  C C   . PHE A 1 8  ? -5.032  -1.741  9.714   1.00 66.77 ? 8  PHE A C   1 
ATOM 57  O O   . PHE A 1 8  ? -3.824  -1.560  9.883   1.00 69.48 ? 8  PHE A O   1 
ATOM 58  C CB  . PHE A 1 8  ? -6.070  -3.573  8.307   1.00 61.20 ? 8  PHE A CB  1 
ATOM 59  C CG  . PHE A 1 8  ? -4.942  -3.897  7.364   1.00 56.51 ? 8  PHE A CG  1 
ATOM 60  C CD1 . PHE A 1 8  ? -3.944  -4.804  7.729   1.00 55.72 ? 8  PHE A CD1 1 
ATOM 61  C CD2 . PHE A 1 8  ? -4.884  -3.307  6.102   1.00 54.62 ? 8  PHE A CD2 1 
ATOM 62  C CE1 . PHE A 1 8  ? -2.904  -5.120  6.850   1.00 52.14 ? 8  PHE A CE1 1 
ATOM 63  C CE2 . PHE A 1 8  ? -3.851  -3.611  5.213   1.00 49.63 ? 8  PHE A CE2 1 
ATOM 64  C CZ  . PHE A 1 8  ? -2.862  -4.517  5.587   1.00 53.31 ? 8  PHE A CZ  1 
ATOM 65  N N   . ILE A 1 9  ? -5.902  -0.748  9.538   1.00 64.29 ? 9  ILE A N   1 
ATOM 66  C CA  . ILE A 1 9  ? -5.496  0.651   9.510   1.00 64.47 ? 9  ILE A CA  1 
ATOM 67  C C   . ILE A 1 9  ? -5.153  1.146   10.908  1.00 63.87 ? 9  ILE A C   1 
ATOM 68  O O   . ILE A 1 9  ? -4.669  2.259   11.084  1.00 62.74 ? 9  ILE A O   1 
ATOM 69  C CB  . ILE A 1 9  ? -6.618  1.525   8.920   1.00 65.70 ? 9  ILE A CB  1 
ATOM 70  C CG1 . ILE A 1 9  ? -6.921  1.055   7.494   1.00 68.35 ? 9  ILE A CG1 1 
ATOM 71  C CG2 . ILE A 1 9  ? -6.208  3.000   8.922   1.00 65.85 ? 9  ILE A CG2 1 
ATOM 72  C CD1 . ILE A 1 9  ? -7.912  1.919   6.751   1.00 70.30 ? 9  ILE A CD1 1 
ATOM 73  N N   . ASN A 1 10 ? -5.406  0.302   11.899  1.00 64.73 ? 10 ASN A N   1 
ATOM 74  C CA  . ASN A 1 10 ? -5.130  0.625   13.293  1.00 65.63 ? 10 ASN A CA  1 
ATOM 75  C C   . ASN A 1 10 ? -3.762  0.054   13.675  1.00 65.17 ? 10 ASN A C   1 
ATOM 76  O O   . ASN A 1 10 ? -2.937  0.741   14.280  1.00 66.39 ? 10 ASN A O   1 
ATOM 77  C CB  . ASN A 1 10 ? -6.246  0.049   14.181  1.00 68.01 ? 10 ASN A CB  1 
ATOM 78  C CG  . ASN A 1 10 ? -5.996  0.268   15.661  1.00 71.00 ? 10 ASN A CG  1 
ATOM 79  O OD1 . ASN A 1 10 ? -5.685  1.384   16.097  1.00 72.82 ? 10 ASN A OD1 1 
ATOM 80  N ND2 . ASN A 1 10 ? -6.142  -0.799  16.447  1.00 69.22 ? 10 ASN A ND2 1 
ATOM 81  N N   . LEU A 1 11 ? -3.520  -1.203  13.323  1.00 66.46 ? 11 LEU A N   1 
ATOM 82  C CA  . LEU A 1 11 ? -2.230  -1.826  13.605  1.00 65.45 ? 11 LEU A CA  1 
ATOM 83  C C   . LEU A 1 11 ? -1.158  -1.042  12.859  1.00 63.59 ? 11 LEU A C   1 
ATOM 84  O O   . LEU A 1 11 ? -0.010  -0.966  13.296  1.00 61.82 ? 11 LEU A O   1 
ATOM 85  C CB  . LEU A 1 11 ? -2.213  -3.283  13.130  1.00 68.06 ? 11 LEU A CB  1 
ATOM 86  C CG  . LEU A 1 11 ? -2.893  -4.335  14.004  1.00 72.00 ? 11 LEU A CG  1 
ATOM 87  C CD1 . LEU A 1 11 ? -3.140  -5.589  13.181  1.00 75.25 ? 11 LEU A CD1 1 
ATOM 88  C CD2 . LEU A 1 11 ? -2.019  -4.641  15.221  1.00 71.65 ? 11 LEU A CD2 1 
ATOM 89  N N   . ALA A 1 12 ? -1.544  -0.468  11.723  1.00 59.45 ? 12 ALA A N   1 
ATOM 90  C CA  . ALA A 1 12 ? -0.622  0.324   10.924  1.00 61.45 ? 12 ALA A CA  1 
ATOM 91  C C   . ALA A 1 12 ? -0.222  1.549   11.741  1.00 63.09 ? 12 ALA A C   1 
ATOM 92  O O   . ALA A 1 12 ? 0.931   1.680   12.165  1.00 61.50 ? 12 ALA A O   1 
ATOM 93  C CB  . ALA A 1 12 ? -1.291  0.754   9.624   1.00 56.89 ? 12 ALA A CB  1 
ATOM 94  N N   . LYS A 1 13 ? -1.192  2.437   11.960  1.00 64.52 ? 13 LYS A N   1 
ATOM 95  C CA  . LYS A 1 13 ? -0.974  3.656   12.726  1.00 62.16 ? 13 LYS A CA  1 
ATOM 96  C C   . LYS A 1 13 ? -0.072  3.389   13.914  1.00 62.78 ? 13 LYS A C   1 
ATOM 97  O O   . LYS A 1 13 ? 1.048   3.874   13.965  1.00 66.83 ? 13 LYS A O   1 
ATOM 98  C CB  . LYS A 1 13 ? -2.306  4.235   13.227  1.00 60.97 ? 13 LYS A CB  1 
ATOM 99  C CG  . LYS A 1 13 ? -3.135  4.968   12.177  1.00 62.63 ? 13 LYS A CG  1 
ATOM 100 C CD  . LYS A 1 13 ? -4.567  5.222   12.659  1.00 61.71 ? 13 LYS A CD  1 
ATOM 101 C CE  . LYS A 1 13 ? -5.452  5.794   11.545  1.00 63.80 ? 13 LYS A CE  1 
ATOM 102 N NZ  . LYS A 1 13 ? -6.918  5.662   11.831  1.00 53.78 ? 13 LYS A NZ  1 
ATOM 103 N N   . SER A 1 14 ? -0.549  2.597   14.864  1.00 60.72 ? 14 SER A N   1 
ATOM 104 C CA  . SER A 1 14 ? 0.233   2.314   16.058  1.00 60.56 ? 14 SER A CA  1 
ATOM 105 C C   . SER A 1 14 ? 1.634   1.812   15.772  1.00 54.71 ? 14 SER A C   1 
ATOM 106 O O   . SER A 1 14 ? 2.398   1.567   16.697  1.00 52.02 ? 14 SER A O   1 
ATOM 107 C CB  . SER A 1 14 ? -0.482  1.301   16.952  1.00 64.09 ? 14 SER A CB  1 
ATOM 108 O OG  . SER A 1 14 ? 0.262   1.099   18.148  1.00 68.43 ? 14 SER A OG  1 
ATOM 109 N N   . LEU A 1 15 ? 1.969   1.663   14.496  1.00 55.49 ? 15 LEU A N   1 
ATOM 110 C CA  . LEU A 1 15 ? 3.290   1.181   14.102  1.00 56.33 ? 15 LEU A CA  1 
ATOM 111 C C   . LEU A 1 15 ? 4.066   2.175   13.261  1.00 52.28 ? 15 LEU A C   1 
ATOM 112 O O   . LEU A 1 15 ? 5.255   2.349   13.457  1.00 53.47 ? 15 LEU A O   1 
ATOM 113 C CB  . LEU A 1 15 ? 3.172   -0.140  13.333  1.00 61.80 ? 15 LEU A CB  1 
ATOM 114 C CG  . LEU A 1 15 ? 2.969   -1.434  14.133  1.00 65.76 ? 15 LEU A CG  1 
ATOM 115 C CD1 . LEU A 1 15 ? 2.462   -2.537  13.201  1.00 68.31 ? 15 LEU A CD1 1 
ATOM 116 C CD2 . LEU A 1 15 ? 4.289   -1.842  14.798  1.00 67.36 ? 15 LEU A CD2 1 
ATOM 117 N N   . LEU A 1 16 ? 3.402   2.822   12.317  1.00 50.29 ? 16 LEU A N   1 
ATOM 118 C CA  . LEU A 1 16 ? 4.086   3.785   11.468  1.00 52.00 ? 16 LEU A CA  1 
ATOM 119 C C   . LEU A 1 16 ? 3.466   5.165   11.600  1.00 52.59 ? 16 LEU A C   1 
ATOM 120 O O   . LEU A 1 16 ? 2.763   5.462   12.562  1.00 54.64 ? 16 LEU A O   1 
ATOM 121 C CB  . LEU A 1 16 ? 4.026   3.347   9.998   1.00 54.49 ? 16 LEU A CB  1 
ATOM 122 C CG  . LEU A 1 16 ? 4.475   1.935   9.606   1.00 49.81 ? 16 LEU A CG  1 
ATOM 123 C CD1 . LEU A 1 16 ? 4.080   1.704   8.178   1.00 49.57 ? 16 LEU A CD1 1 
ATOM 124 C CD2 . LEU A 1 16 ? 5.960   1.756   9.790   1.00 45.22 ? 16 LEU A CD2 1 
ATOM 125 N N   . GLY A 1 17 ? 3.720   6.015   10.619  1.00 51.94 ? 17 GLY A N   1 
ATOM 126 C CA  . GLY A 1 17 ? 3.161   7.347   10.689  1.00 59.09 ? 17 GLY A CA  1 
ATOM 127 C C   . GLY A 1 17 ? 1.655   7.366   10.518  1.00 59.97 ? 17 GLY A C   1 
ATOM 128 O O   . GLY A 1 17 ? 0.920   6.596   11.139  1.00 56.51 ? 17 GLY A O   1 
ATOM 129 N N   . ASP A 1 18 ? 1.224   8.295   9.676   1.00 61.45 ? 18 ASP A N   1 
ATOM 130 C CA  . ASP A 1 18 ? -0.159  8.505   9.305   1.00 62.50 ? 18 ASP A CA  1 
ATOM 131 C C   . ASP A 1 18 ? 0.017   8.817   7.832   1.00 63.84 ? 18 ASP A C   1 
ATOM 132 O O   . ASP A 1 18 ? -0.883  8.608   7.016   1.00 61.66 ? 18 ASP A O   1 
ATOM 133 C CB  . ASP A 1 18 ? -0.731  9.711   10.033  1.00 67.92 ? 18 ASP A CB  1 
ATOM 134 C CG  . ASP A 1 18 ? -0.805  9.500   11.527  1.00 72.66 ? 18 ASP A CG  1 
ATOM 135 O OD1 . ASP A 1 18 ? 0.154   8.916   12.077  1.00 74.36 ? 18 ASP A OD1 1 
ATOM 136 O OD2 . ASP A 1 18 ? -1.811  9.927   12.152  1.00 73.78 ? 18 ASP A OD2 1 
ATOM 137 N N   . ASP A 1 19 ? 1.210   9.314   7.509   1.00 65.56 ? 19 ASP A N   1 
ATOM 138 C CA  . ASP A 1 19 ? 1.576   9.639   6.139   1.00 66.88 ? 19 ASP A CA  1 
ATOM 139 C C   . ASP A 1 19 ? 1.413   8.322   5.401   1.00 67.88 ? 19 ASP A C   1 
ATOM 140 O O   . ASP A 1 19 ? 1.046   8.288   4.220   1.00 69.41 ? 19 ASP A O   1 
ATOM 141 C CB  . ASP A 1 19 ? 3.043   10.070  6.052   1.00 71.50 ? 19 ASP A CB  1 
ATOM 142 C CG  . ASP A 1 19 ? 3.296   11.469  6.599   1.00 75.30 ? 19 ASP A CG  1 
ATOM 143 O OD1 . ASP A 1 19 ? 2.756   11.816  7.680   1.00 75.31 ? 19 ASP A OD1 1 
ATOM 144 O OD2 . ASP A 1 19 ? 4.064   12.216  5.945   1.00 78.15 ? 19 ASP A OD2 1 
ATOM 145 N N   . VAL A 1 20 ? 1.685   7.241   6.128   1.00 64.08 ? 20 VAL A N   1 
ATOM 146 C CA  . VAL A 1 20 ? 1.594   5.886   5.603   1.00 64.81 ? 20 VAL A CA  1 
ATOM 147 C C   . VAL A 1 20 ? 0.149   5.391   5.479   1.00 63.70 ? 20 VAL A C   1 
ATOM 148 O O   . VAL A 1 20 ? -0.266  4.929   4.410   1.00 62.57 ? 20 VAL A O   1 
ATOM 149 C CB  . VAL A 1 20 ? 2.423   4.917   6.493   1.00 64.02 ? 20 VAL A CB  1 
ATOM 150 C CG1 . VAL A 1 20 ? 1.740   3.568   6.603   1.00 65.36 ? 20 VAL A CG1 1 
ATOM 151 C CG2 . VAL A 1 20 ? 3.826   4.745   5.906   1.00 60.36 ? 20 VAL A CG2 1 
ATOM 152 N N   . ILE A 1 21 ? -0.609  5.496   6.568   1.00 64.15 ? 21 ILE A N   1 
ATOM 153 C CA  . ILE A 1 21 ? -2.000  5.053   6.590   1.00 63.13 ? 21 ILE A CA  1 
ATOM 154 C C   . ILE A 1 21 ? -2.788  5.540   5.384   1.00 65.25 ? 21 ILE A C   1 
ATOM 155 O O   . ILE A 1 21 ? -3.706  4.865   4.926   1.00 66.92 ? 21 ILE A O   1 
ATOM 156 C CB  . ILE A 1 21 ? -2.711  5.510   7.885   1.00 62.45 ? 21 ILE A CB  1 
ATOM 157 C CG1 . ILE A 1 21 ? -2.463  4.497   9.003   1.00 61.28 ? 21 ILE A CG1 1 
ATOM 158 C CG2 . ILE A 1 21 ? -4.209  5.648   7.650   1.00 62.09 ? 21 ILE A CG2 1 
ATOM 159 C CD1 . ILE A 1 21 ? -1.017  4.329   9.395   1.00 63.14 ? 21 ILE A CD1 1 
ATOM 160 N N   . ASP A 1 22 ? -2.432  6.710   4.868   1.00 67.51 ? 22 ASP A N   1 
ATOM 161 C CA  . ASP A 1 22 ? -3.116  7.262   3.697   1.00 70.41 ? 22 ASP A CA  1 
ATOM 162 C C   . ASP A 1 22 ? -2.914  6.380   2.474   1.00 69.07 ? 22 ASP A C   1 
ATOM 163 O O   . ASP A 1 22 ? -3.832  6.206   1.672   1.00 71.05 ? 22 ASP A O   1 
ATOM 164 C CB  . ASP A 1 22 ? -2.599  8.665   3.399   1.00 72.38 ? 22 ASP A CB  1 
ATOM 165 C CG  . ASP A 1 22 ? -2.762  9.594   4.577   1.00 76.24 ? 22 ASP A CG  1 
ATOM 166 O OD1 . ASP A 1 22 ? -3.915  9.977   4.884   1.00 77.02 ? 22 ASP A OD1 1 
ATOM 167 O OD2 . ASP A 1 22 ? -1.733  9.926   5.203   1.00 77.51 ? 22 ASP A OD2 1 
ATOM 168 N N   . VAL A 1 23 ? -1.710  5.826   2.340   1.00 63.75 ? 23 VAL A N   1 
ATOM 169 C CA  . VAL A 1 23 ? -1.391  4.955   1.216   1.00 59.68 ? 23 VAL A CA  1 
ATOM 170 C C   . VAL A 1 23 ? -2.161  3.648   1.300   1.00 57.31 ? 23 VAL A C   1 
ATOM 171 O O   . VAL A 1 23 ? -2.852  3.264   0.349   1.00 55.58 ? 23 VAL A O   1 
ATOM 172 C CB  . VAL A 1 23 ? 0.128   4.648   1.155   1.00 64.41 ? 23 VAL A CB  1 
ATOM 173 C CG1 . VAL A 1 23 ? 0.370   3.295   0.477   1.00 64.35 ? 23 VAL A CG1 1 
ATOM 174 C CG2 . VAL A 1 23 ? 0.848   5.759   0.376   1.00 64.36 ? 23 VAL A CG2 1 
ATOM 175 N N   . LEU A 1 24 ? -2.043  2.974   2.442   1.00 54.08 ? 24 LEU A N   1 
ATOM 176 C CA  . LEU A 1 24 ? -2.723  1.698   2.662   1.00 55.01 ? 24 LEU A CA  1 
ATOM 177 C C   . LEU A 1 24 ? -4.186  1.817   2.264   1.00 58.78 ? 24 LEU A C   1 
ATOM 178 O O   . LEU A 1 24 ? -4.789  0.859   1.785   1.00 59.91 ? 24 LEU A O   1 
ATOM 179 C CB  . LEU A 1 24 ? -2.622  1.290   4.130   1.00 43.75 ? 24 LEU A CB  1 
ATOM 180 C CG  . LEU A 1 24 ? -2.750  -0.201  4.435   1.00 43.17 ? 24 LEU A CG  1 
ATOM 181 C CD1 . LEU A 1 24 ? -1.668  -0.946  3.689   1.00 43.13 ? 24 LEU A CD1 1 
ATOM 182 C CD2 . LEU A 1 24 ? -2.629  -0.457  5.942   1.00 37.58 ? 24 LEU A CD2 1 
ATOM 183 N N   . ARG A 1 25 ? -4.738  3.011   2.461   1.00 63.21 ? 25 ARG A N   1 
ATOM 184 C CA  . ARG A 1 25 ? -6.125  3.310   2.140   1.00 64.65 ? 25 ARG A CA  1 
ATOM 185 C C   . ARG A 1 25 ? -6.493  3.071   0.677   1.00 65.69 ? 25 ARG A C   1 
ATOM 186 O O   . ARG A 1 25 ? -7.210  2.116   0.376   1.00 67.47 ? 25 ARG A O   1 
ATOM 187 C CB  . ARG A 1 25 ? -6.441  4.758   2.522   1.00 67.41 ? 25 ARG A CB  1 
ATOM 188 C CG  . ARG A 1 25 ? -6.704  4.964   4.009   1.00 67.54 ? 25 ARG A CG  1 
ATOM 189 C CD  . ARG A 1 25 ? -7.843  4.069   4.469   1.00 67.84 ? 25 ARG A CD  1 
ATOM 190 N NE  . ARG A 1 25 ? -9.034  4.226   3.639   1.00 67.33 ? 25 ARG A NE  1 
ATOM 191 C CZ  . ARG A 1 25 ? -9.929  3.266   3.421   1.00 67.37 ? 25 ARG A CZ  1 
ATOM 192 N NH1 . ARG A 1 25 ? -9.778  2.065   3.969   1.00 65.64 ? 25 ARG A NH1 1 
ATOM 193 N NH2 . ARG A 1 25 ? -10.982 3.510   2.653   1.00 68.09 ? 25 ARG A NH2 1 
ATOM 194 N N   . ILE A 1 26 ? -6.021  3.941   -0.216  1.00 65.19 ? 26 ILE A N   1 
ATOM 195 C CA  . ILE A 1 26 ? -6.299  3.813   -1.653  1.00 65.08 ? 26 ILE A CA  1 
ATOM 196 C C   . ILE A 1 26 ? -6.252  2.342   -2.063  1.00 66.50 ? 26 ILE A C   1 
ATOM 197 O O   . ILE A 1 26 ? -7.073  1.873   -2.851  1.00 67.08 ? 26 ILE A O   1 
ATOM 198 C CB  . ILE A 1 26 ? -5.251  4.561   -2.526  1.00 62.82 ? 26 ILE A CB  1 
ATOM 199 C CG1 . ILE A 1 26 ? -5.372  6.078   -2.362  1.00 61.64 ? 26 ILE A CG1 1 
ATOM 200 C CG2 . ILE A 1 26 ? -5.452  4.190   -3.987  1.00 60.99 ? 26 ILE A CG2 1 
ATOM 201 C CD1 . ILE A 1 26 ? -5.138  6.578   -0.950  1.00 63.83 ? 26 ILE A CD1 1 
ATOM 202 N N   . LEU A 1 27 ? -5.266  1.627   -1.531  1.00 63.92 ? 27 LEU A N   1 
ATOM 203 C CA  . LEU A 1 27 ? -5.101  0.216   -1.821  1.00 62.50 ? 27 LEU A CA  1 
ATOM 204 C C   . LEU A 1 27 ? -6.352  -0.522  -1.370  1.00 61.08 ? 27 LEU A C   1 
ATOM 205 O O   . LEU A 1 27 ? -7.057  -1.113  -2.187  1.00 62.95 ? 27 LEU A O   1 
ATOM 206 C CB  . LEU A 1 27 ? -3.867  -0.337  -1.088  1.00 62.83 ? 27 LEU A CB  1 
ATOM 207 C CG  . LEU A 1 27 ? -2.459  0.021   -1.588  1.00 59.98 ? 27 LEU A CG  1 
ATOM 208 C CD1 . LEU A 1 27 ? -1.422  -0.516  -0.628  1.00 60.82 ? 27 LEU A CD1 1 
ATOM 209 C CD2 . LEU A 1 27 ? -2.232  -0.565  -2.967  1.00 58.96 ? 27 LEU A CD2 1 
ATOM 210 N N   . LEU A 1 28 ? -6.631  -0.474  -0.067  1.00 64.45 ? 28 LEU A N   1 
ATOM 211 C CA  . LEU A 1 28 ? -7.803  -1.147  0.504   1.00 61.59 ? 28 LEU A CA  1 
ATOM 212 C C   . LEU A 1 28 ? -9.065  -0.794  -0.277  1.00 61.92 ? 28 LEU A C   1 
ATOM 213 O O   . LEU A 1 28 ? -10.018 -1.566  -0.298  1.00 58.89 ? 28 LEU A O   1 
ATOM 214 C CB  . LEU A 1 28 ? -7.966  -0.778  1.993   1.00 54.05 ? 28 LEU A CB  1 
ATOM 215 C CG  . LEU A 1 28 ? -6.899  -1.349  2.949   1.00 55.79 ? 28 LEU A CG  1 
ATOM 216 C CD1 . LEU A 1 28 ? -7.014  -0.770  4.347   1.00 53.96 ? 28 LEU A CD1 1 
ATOM 217 C CD2 . LEU A 1 28 ? -7.053  -2.851  3.012   1.00 58.37 ? 28 LEU A CD2 1 
ATOM 218 N N   . ASP A 1 29 ? -9.040  0.363   -0.936  1.00 62.69 ? 29 ASP A N   1 
ATOM 219 C CA  . ASP A 1 29 ? -10.163 0.858   -1.727  1.00 66.04 ? 29 ASP A CA  1 
ATOM 220 C C   . ASP A 1 29 ? -10.265 0.203   -3.104  1.00 68.71 ? 29 ASP A C   1 
ATOM 221 O O   . ASP A 1 29 ? -11.201 -0.556  -3.373  1.00 71.09 ? 29 ASP A O   1 
ATOM 222 C CB  . ASP A 1 29 ? -10.049 2.373   -1.935  1.00 75.23 ? 29 ASP A CB  1 
ATOM 223 C CG  . ASP A 1 29 ? -9.963  3.147   -0.630  1.00 80.01 ? 29 ASP A CG  1 
ATOM 224 O OD1 . ASP A 1 29 ? -10.854 2.955   0.227   1.00 81.76 ? 29 ASP A OD1 1 
ATOM 225 O OD2 . ASP A 1 29 ? -9.010  3.950   -0.469  1.00 81.16 ? 29 ASP A OD2 1 
ATOM 226 N N   . LYS A 1 30 ? -9.310  0.513   -3.981  1.00 66.55 ? 30 LYS A N   1 
ATOM 227 C CA  . LYS A 1 30 ? -9.323  -0.031  -5.332  1.00 62.36 ? 30 LYS A CA  1 
ATOM 228 C C   . LYS A 1 30 ? -9.628  -1.526  -5.344  1.00 56.60 ? 30 LYS A C   1 
ATOM 229 O O   . LYS A 1 30 ? -10.321 -2.018  -6.240  1.00 54.58 ? 30 LYS A O   1 
ATOM 230 C CB  . LYS A 1 30 ? -7.994  0.238   -6.037  1.00 65.93 ? 30 LYS A CB  1 
ATOM 231 C CG  . LYS A 1 30 ? -8.056  -0.024  -7.541  1.00 72.02 ? 30 LYS A CG  1 
ATOM 232 C CD  . LYS A 1 30 ? -6.702  0.108   -8.229  1.00 71.89 ? 30 LYS A CD  1 
ATOM 233 C CE  . LYS A 1 30 ? -6.767  -0.350  -9.685  1.00 71.60 ? 30 LYS A CE  1 
ATOM 234 N NZ  . LYS A 1 30 ? -5.425  -0.335  -10.345 1.00 66.18 ? 30 LYS A NZ  1 
ATOM 235 N N   . GLY A 1 31 ? -9.111  -2.239  -4.347  1.00 52.62 ? 31 GLY A N   1 
ATOM 236 C CA  . GLY A 1 31 ? -9.354  -3.670  -4.238  1.00 55.44 ? 31 GLY A CA  1 
ATOM 237 C C   . GLY A 1 31 ? -8.596  -4.557  -5.208  1.00 57.18 ? 31 GLY A C   1 
ATOM 238 O O   . GLY A 1 31 ? -8.906  -5.739  -5.348  1.00 56.67 ? 31 GLY A O   1 
ATOM 239 N N   . THR A 1 32 ? -7.608  -3.982  -5.886  1.00 62.98 ? 32 THR A N   1 
ATOM 240 C CA  . THR A 1 32 ? -6.790  -4.712  -6.849  1.00 62.07 ? 32 THR A CA  1 
ATOM 241 C C   . THR A 1 32 ? -5.445  -4.002  -6.930  1.00 59.80 ? 32 THR A C   1 
ATOM 242 O O   . THR A 1 32 ? -5.357  -2.806  -6.639  1.00 58.37 ? 32 THR A O   1 
ATOM 243 C CB  . THR A 1 32 ? -7.429  -4.725  -8.246  1.00 62.77 ? 32 THR A CB  1 
ATOM 244 O OG1 . THR A 1 32 ? -8.854  -4.760  -8.125  1.00 65.82 ? 32 THR A OG1 1 
ATOM 245 C CG2 . THR A 1 32 ? -6.979  -5.962  -9.010  1.00 65.92 ? 32 THR A CG2 1 
ATOM 246 N N   . GLU A 1 33 ? -4.411  -4.739  -7.337  1.00 60.73 ? 33 GLU A N   1 
ATOM 247 C CA  . GLU A 1 33 ? -3.052  -4.208  -7.430  1.00 62.65 ? 33 GLU A CA  1 
ATOM 248 C C   . GLU A 1 33 ? -2.967  -2.779  -7.915  1.00 61.11 ? 33 GLU A C   1 
ATOM 249 O O   . GLU A 1 33 ? -3.755  -2.347  -8.758  1.00 61.19 ? 33 GLU A O   1 
ATOM 250 C CB  . GLU A 1 33 ? -2.183  -5.034  -8.368  1.00 66.45 ? 33 GLU A CB  1 
ATOM 251 C CG  . GLU A 1 33 ? -2.541  -6.480  -8.512  1.00 75.71 ? 33 GLU A CG  1 
ATOM 252 C CD  . GLU A 1 33 ? -1.521  -7.198  -9.364  1.00 80.55 ? 33 GLU A CD  1 
ATOM 253 O OE1 . GLU A 1 33 ? -0.424  -7.480  -8.844  1.00 82.64 ? 33 GLU A OE1 1 
ATOM 254 O OE2 . GLU A 1 33 ? -1.802  -7.457  -10.553 1.00 84.97 ? 33 GLU A OE2 1 
ATOM 255 N N   . MET A 1 34 ? -1.976  -2.066  -7.388  1.00 57.53 ? 34 MET A N   1 
ATOM 256 C CA  . MET A 1 34 ? -1.724  -0.688  -7.757  1.00 56.79 ? 34 MET A CA  1 
ATOM 257 C C   . MET A 1 34 ? -0.213  -0.466  -7.845  1.00 57.14 ? 34 MET A C   1 
ATOM 258 O O   . MET A 1 34 ? 0.569   -1.298  -7.393  1.00 57.65 ? 34 MET A O   1 
ATOM 259 C CB  . MET A 1 34 ? -2.354  0.247   -6.730  1.00 59.07 ? 34 MET A CB  1 
ATOM 260 C CG  . MET A 1 34 ? -3.881  0.182   -6.697  1.00 58.23 ? 34 MET A CG  1 
ATOM 261 S SD  . MET A 1 34 ? -4.633  1.791   -6.301  1.00 62.88 ? 34 MET A SD  1 
ATOM 262 C CE  . MET A 1 34 ? -4.413  2.631   -7.860  1.00 54.70 ? 34 MET A CE  1 
ATOM 263 N N   . THR A 1 35 ? 0.209   0.642   -8.439  1.00 58.43 ? 35 THR A N   1 
ATOM 264 C CA  . THR A 1 35 ? 1.638   0.914   -8.565  1.00 61.68 ? 35 THR A CA  1 
ATOM 265 C C   . THR A 1 35 ? 1.966   2.347   -8.177  1.00 62.28 ? 35 THR A C   1 
ATOM 266 O O   . THR A 1 35 ? 1.277   3.265   -8.595  1.00 62.15 ? 35 THR A O   1 
ATOM 267 C CB  . THR A 1 35 ? 2.124   0.674   -9.998  1.00 61.98 ? 35 THR A CB  1 
ATOM 268 O OG1 . THR A 1 35 ? 3.540   0.856   -10.043 1.00 65.78 ? 35 THR A OG1 1 
ATOM 269 C CG2 . THR A 1 35 ? 1.462   1.646   -10.964 1.00 63.57 ? 35 THR A CG2 1 
ATOM 270 N N   . ASP A 1 36 ? 3.020   2.536   -7.387  1.00 63.24 ? 36 ASP A N   1 
ATOM 271 C CA  . ASP A 1 36 ? 3.389   3.873   -6.937  1.00 64.92 ? 36 ASP A CA  1 
ATOM 272 C C   . ASP A 1 36 ? 2.785   4.949   -7.831  1.00 66.22 ? 36 ASP A C   1 
ATOM 273 O O   . ASP A 1 36 ? 2.128   5.866   -7.335  1.00 67.01 ? 36 ASP A O   1 
ATOM 274 C CB  . ASP A 1 36 ? 4.913   4.027   -6.845  1.00 66.60 ? 36 ASP A CB  1 
ATOM 275 C CG  . ASP A 1 36 ? 5.620   3.625   -8.111  1.00 69.95 ? 36 ASP A CG  1 
ATOM 276 O OD1 . ASP A 1 36 ? 6.839   3.852   -8.201  1.00 70.94 ? 36 ASP A OD1 1 
ATOM 277 O OD2 . ASP A 1 36 ? 4.965   3.078   -9.018  1.00 73.35 ? 36 ASP A OD2 1 
ATOM 278 N N   . GLU A 1 37 ? 2.974   4.831   -9.145  1.00 68.19 ? 37 GLU A N   1 
ATOM 279 C CA  . GLU A 1 37 ? 2.402   5.813   -10.065 1.00 72.26 ? 37 GLU A CA  1 
ATOM 280 C C   . GLU A 1 37 ? 0.927   6.011   -9.685  1.00 72.33 ? 37 GLU A C   1 
ATOM 281 O O   . GLU A 1 37 ? 0.549   7.066   -9.160  1.00 68.33 ? 37 GLU A O   1 
ATOM 282 C CB  . GLU A 1 37 ? 2.480   5.335   -11.523 1.00 72.38 ? 37 GLU A CB  1 
ATOM 283 C CG  . GLU A 1 37 ? 3.861   4.907   -12.032 1.00 76.33 ? 37 GLU A CG  1 
ATOM 284 C CD  . GLU A 1 37 ? 3.816   4.425   -13.493 1.00 79.71 ? 37 GLU A CD  1 
ATOM 285 O OE1 . GLU A 1 37 ? 3.797   5.286   -14.409 1.00 80.16 ? 37 GLU A OE1 1 
ATOM 286 O OE2 . GLU A 1 37 ? 3.783   3.187   -13.724 1.00 76.56 ? 37 GLU A OE2 1 
ATOM 287 N N   . GLU A 1 38 ? 0.109   4.989   -9.950  1.00 72.19 ? 38 GLU A N   1 
ATOM 288 C CA  . GLU A 1 38 ? -1.322  5.023   -9.640  1.00 74.56 ? 38 GLU A CA  1 
ATOM 289 C C   . GLU A 1 38 ? -1.625  5.615   -8.267  1.00 74.23 ? 38 GLU A C   1 
ATOM 290 O O   . GLU A 1 38 ? -2.301  6.639   -8.157  1.00 76.58 ? 38 GLU A O   1 
ATOM 291 C CB  . GLU A 1 38 ? -1.926  3.617   -9.700  1.00 75.84 ? 38 GLU A CB  1 
ATOM 292 C CG  . GLU A 1 38 ? -2.512  3.220   -11.048 1.00 79.24 ? 38 GLU A CG  1 
ATOM 293 C CD  . GLU A 1 38 ? -3.538  2.090   -10.931 1.00 79.42 ? 38 GLU A CD  1 
ATOM 294 O OE1 . GLU A 1 38 ? -3.201  1.033   -10.355 1.00 77.66 ? 38 GLU A OE1 1 
ATOM 295 O OE2 . GLU A 1 38 ? -4.680  2.262   -11.418 1.00 78.77 ? 38 GLU A OE2 1 
ATOM 296 N N   . ILE A 1 39 ? -1.135  4.957   -7.221  1.00 71.59 ? 39 ILE A N   1 
ATOM 297 C CA  . ILE A 1 39 ? -1.353  5.406   -5.849  1.00 71.71 ? 39 ILE A CA  1 
ATOM 298 C C   . ILE A 1 39 ? -0.919  6.857   -5.697  1.00 75.49 ? 39 ILE A C   1 
ATOM 299 O O   . ILE A 1 39 ? -1.316  7.536   -4.751  1.00 78.09 ? 39 ILE A O   1 
ATOM 300 C CB  . ILE A 1 39 ? -0.550  4.547   -4.850  1.00 67.05 ? 39 ILE A CB  1 
ATOM 301 C CG1 . ILE A 1 39 ? -0.807  3.062   -5.116  1.00 63.45 ? 39 ILE A CG1 1 
ATOM 302 C CG2 . ILE A 1 39 ? -0.951  4.891   -3.427  1.00 61.63 ? 39 ILE A CG2 1 
ATOM 303 C CD1 . ILE A 1 39 ? 0.114   2.150   -4.365  1.00 61.55 ? 39 ILE A CD1 1 
ATOM 304 N N   . ALA A 1 40 ? -0.099  7.321   -6.640  1.00 77.35 ? 40 ALA A N   1 
ATOM 305 C CA  . ALA A 1 40 ? 0.402   8.693   -6.635  1.00 77.68 ? 40 ALA A CA  1 
ATOM 306 C C   . ALA A 1 40 ? -0.405  9.614   -7.554  1.00 77.95 ? 40 ALA A C   1 
ATOM 307 O O   . ALA A 1 40 ? -0.622  10.782  -7.228  1.00 79.03 ? 40 ALA A O   1 
ATOM 308 C CB  . ALA A 1 40 ? 1.871   8.709   -7.041  1.00 74.25 ? 40 ALA A CB  1 
ATOM 309 N N   . ASN A 1 41 ? -0.848  9.095   -8.698  1.00 79.39 ? 41 ASN A N   1 
ATOM 310 C CA  . ASN A 1 41 ? -1.626  9.903   -9.640  1.00 80.60 ? 41 ASN A CA  1 
ATOM 311 C C   . ASN A 1 41 ? -3.032  10.213  -9.118  1.00 79.87 ? 41 ASN A C   1 
ATOM 312 O O   . ASN A 1 41 ? -3.429  11.373  -9.023  1.00 79.25 ? 41 ASN A O   1 
ATOM 313 C CB  . ASN A 1 41 ? -1.736  9.199   -11.000 1.00 80.62 ? 41 ASN A CB  1 
ATOM 314 C CG  . ASN A 1 41 ? -2.343  10.102  -12.080 1.00 82.32 ? 41 ASN A CG  1 
ATOM 315 O OD1 . ASN A 1 41 ? -3.468  10.592  -11.948 1.00 83.91 ? 41 ASN A OD1 1 
ATOM 316 N ND2 . ASN A 1 41 ? -1.590  10.327  -13.151 1.00 81.60 ? 41 ASN A ND2 1 
ATOM 317 N N   . GLN A 1 42 ? -3.775  9.163   -8.786  1.00 79.33 ? 42 GLN A N   1 
ATOM 318 C CA  . GLN A 1 42 ? -5.141  9.294   -8.282  1.00 77.56 ? 42 GLN A CA  1 
ATOM 319 C C   . GLN A 1 42 ? -5.192  9.643   -6.791  1.00 75.97 ? 42 GLN A C   1 
ATOM 320 O O   . GLN A 1 42 ? -6.126  9.253   -6.086  1.00 75.09 ? 42 GLN A O   1 
ATOM 321 C CB  . GLN A 1 42 ? -5.895  7.986   -8.521  1.00 76.73 ? 42 GLN A CB  1 
ATOM 322 C CG  . GLN A 1 42 ? -5.702  7.407   -9.917  1.00 74.26 ? 42 GLN A CG  1 
ATOM 323 C CD  . GLN A 1 42 ? -6.363  6.056   -10.070 1.00 72.69 ? 42 GLN A CD  1 
ATOM 324 O OE1 . GLN A 1 42 ? -6.341  5.458   -11.147 1.00 70.98 ? 42 GLN A OE1 1 
ATOM 325 N NE2 . GLN A 1 42 ? -6.958  5.566   -8.987  1.00 73.44 ? 42 GLN A NE2 1 
ATOM 326 N N   . LEU A 1 43 ? -4.183  10.371  -6.320  1.00 74.43 ? 43 LEU A N   1 
ATOM 327 C CA  . LEU A 1 43 ? -4.093  10.791  -4.924  1.00 74.33 ? 43 LEU A CA  1 
ATOM 328 C C   . LEU A 1 43 ? -3.498  12.183  -4.884  1.00 74.92 ? 43 LEU A C   1 
ATOM 329 O O   . LEU A 1 43 ? -3.940  13.047  -4.129  1.00 74.73 ? 43 LEU A O   1 
ATOM 330 C CB  . LEU A 1 43 ? -3.168  9.873   -4.136  1.00 73.90 ? 43 LEU A CB  1 
ATOM 331 C CG  . LEU A 1 43 ? -3.752  8.885   -3.134  1.00 75.55 ? 43 LEU A CG  1 
ATOM 332 C CD1 . LEU A 1 43 ? -2.686  8.611   -2.071  1.00 71.83 ? 43 LEU A CD1 1 
ATOM 333 C CD2 . LEU A 1 43 ? -5.010  9.458   -2.484  1.00 77.00 ? 43 LEU A CD2 1 
ATOM 334 N N   . ASN A 1 44 ? -2.478  12.370  -5.714  1.00 76.46 ? 44 ASN A N   1 
ATOM 335 C CA  . ASN A 1 44 ? -1.746  13.620  -5.834  1.00 75.39 ? 44 ASN A CA  1 
ATOM 336 C C   . ASN A 1 44 ? -0.707  13.736  -4.719  1.00 74.87 ? 44 ASN A C   1 
ATOM 337 O O   . ASN A 1 44 ? -1.019  14.120  -3.591  1.00 75.30 ? 44 ASN A O   1 
ATOM 338 C CB  . ASN A 1 44 ? -2.709  14.807  -5.809  1.00 75.37 ? 44 ASN A CB  1 
ATOM 339 C CG  . ASN A 1 44 ? -3.833  14.664  -6.825  1.00 77.09 ? 44 ASN A CG  1 
ATOM 340 O OD1 . ASN A 1 44 ? -4.678  13.769  -6.719  1.00 76.80 ? 44 ASN A OD1 1 
ATOM 341 N ND2 . ASN A 1 44 ? -3.846  15.547  -7.822  1.00 76.91 ? 44 ASN A ND2 1 
ATOM 342 N N   . ILE A 1 45 ? 0.526   13.374  -5.065  1.00 71.88 ? 45 ILE A N   1 
ATOM 343 C CA  . ILE A 1 45 ? 1.683   13.411  -4.175  1.00 68.62 ? 45 ILE A CA  1 
ATOM 344 C C   . ILE A 1 45 ? 2.894   12.893  -4.953  1.00 67.17 ? 45 ILE A C   1 
ATOM 345 O O   . ILE A 1 45 ? 2.748   12.125  -5.906  1.00 66.38 ? 45 ILE A O   1 
ATOM 346 C CB  . ILE A 1 45 ? 1.501   12.510  -2.923  1.00 67.53 ? 45 ILE A CB  1 
ATOM 347 C CG1 . ILE A 1 45 ? 0.836   11.188  -3.322  1.00 64.91 ? 45 ILE A CG1 1 
ATOM 348 C CG2 . ILE A 1 45 ? 0.739   13.258  -1.834  1.00 65.30 ? 45 ILE A CG2 1 
ATOM 349 C CD1 . ILE A 1 45 ? 0.840   10.153  -2.213  1.00 64.23 ? 45 ILE A CD1 1 
ATOM 350 N N   . LYS A 1 46 ? 4.088   13.308  -4.551  1.00 64.63 ? 46 LYS A N   1 
ATOM 351 C CA  . LYS A 1 46 ? 5.287   12.847  -5.233  1.00 66.41 ? 46 LYS A CA  1 
ATOM 352 C C   . LYS A 1 46 ? 5.395   11.323  -5.173  1.00 66.46 ? 46 LYS A C   1 
ATOM 353 O O   . LYS A 1 46 ? 5.367   10.734  -4.090  1.00 66.62 ? 46 LYS A O   1 
ATOM 354 C CB  . LYS A 1 46 ? 6.533   13.491  -4.617  1.00 64.77 ? 46 LYS A CB  1 
ATOM 355 C CG  . LYS A 1 46 ? 6.825   14.896  -5.133  1.00 67.04 ? 46 LYS A CG  1 
ATOM 356 C CD  . LYS A 1 46 ? 8.249   15.321  -4.797  1.00 69.07 ? 46 LYS A CD  1 
ATOM 357 C CE  . LYS A 1 46 ? 8.613   16.664  -5.426  1.00 70.25 ? 46 LYS A CE  1 
ATOM 358 N NZ  . LYS A 1 46 ? 7.754   17.789  -4.949  1.00 71.27 ? 46 LYS A NZ  1 
ATOM 359 N N   . VAL A 1 47 ? 5.518   10.694  -6.345  1.00 67.90 ? 47 VAL A N   1 
ATOM 360 C CA  . VAL A 1 47 ? 5.626   9.234   -6.453  1.00 66.48 ? 47 VAL A CA  1 
ATOM 361 C C   . VAL A 1 47 ? 6.772   8.719   -5.603  1.00 64.03 ? 47 VAL A C   1 
ATOM 362 O O   . VAL A 1 47 ? 6.825   7.540   -5.255  1.00 60.67 ? 47 VAL A O   1 
ATOM 363 C CB  . VAL A 1 47 ? 5.905   8.769   -7.904  1.00 67.03 ? 47 VAL A CB  1 
ATOM 364 C CG1 . VAL A 1 47 ? 5.726   7.274   -7.995  1.00 70.49 ? 47 VAL A CG1 1 
ATOM 365 C CG2 . VAL A 1 47 ? 4.990   9.481   -8.890  1.00 70.75 ? 47 VAL A CG2 1 
ATOM 366 N N   . ASN A 1 48 ? 7.696   9.613   -5.285  1.00 63.33 ? 48 ASN A N   1 
ATOM 367 C CA  . ASN A 1 48 ? 8.847   9.257   -4.483  1.00 62.56 ? 48 ASN A CA  1 
ATOM 368 C C   . ASN A 1 48 ? 8.438   9.008   -3.044  1.00 59.90 ? 48 ASN A C   1 
ATOM 369 O O   . ASN A 1 48 ? 8.742   7.963   -2.490  1.00 63.69 ? 48 ASN A O   1 
ATOM 370 C CB  . ASN A 1 48 ? 9.898   10.369  -4.546  1.00 64.50 ? 48 ASN A CB  1 
ATOM 371 C CG  . ASN A 1 48 ? 11.188  9.915   -5.195  1.00 63.98 ? 48 ASN A CG  1 
ATOM 372 O OD1 . ASN A 1 48 ? 12.227  10.550  -5.036  1.00 62.54 ? 48 ASN A OD1 1 
ATOM 373 N ND2 . ASN A 1 48 ? 11.126  8.813   -5.936  1.00 59.96 ? 48 ASN A ND2 1 
ATOM 374 N N   . ASP A 1 49 ? 7.756   9.976   -2.442  1.00 60.76 ? 49 ASP A N   1 
ATOM 375 C CA  . ASP A 1 49 ? 7.301   9.851   -1.058  1.00 61.04 ? 49 ASP A CA  1 
ATOM 376 C C   . ASP A 1 49 ? 6.218   8.771   -0.979  1.00 55.73 ? 49 ASP A C   1 
ATOM 377 O O   . ASP A 1 49 ? 5.901   8.261   0.096   1.00 49.02 ? 49 ASP A O   1 
ATOM 378 C CB  . ASP A 1 49 ? 6.752   11.194  -0.563  1.00 66.29 ? 49 ASP A CB  1 
ATOM 379 C CG  . ASP A 1 49 ? 6.153   11.102  0.832   1.00 72.58 ? 49 ASP A CG  1 
ATOM 380 O OD1 . ASP A 1 49 ? 6.890   10.755  1.785   1.00 75.50 ? 49 ASP A OD1 1 
ATOM 381 O OD2 . ASP A 1 49 ? 4.940   11.374  0.975   1.00 78.54 ? 49 ASP A OD2 1 
ATOM 382 N N   . VAL A 1 50 ? 5.657   8.435   -2.136  1.00 53.51 ? 50 VAL A N   1 
ATOM 383 C CA  . VAL A 1 50 ? 4.638   7.408   -2.237  1.00 51.43 ? 50 VAL A CA  1 
ATOM 384 C C   . VAL A 1 50 ? 5.337   6.075   -2.102  1.00 53.71 ? 50 VAL A C   1 
ATOM 385 O O   . VAL A 1 50 ? 4.882   5.195   -1.378  1.00 58.07 ? 50 VAL A O   1 
ATOM 386 C CB  . VAL A 1 50 ? 3.950   7.448   -3.597  1.00 52.18 ? 50 VAL A CB  1 
ATOM 387 C CG1 . VAL A 1 50 ? 2.910   6.366   -3.687  1.00 51.67 ? 50 VAL A CG1 1 
ATOM 388 C CG2 . VAL A 1 50 ? 3.329   8.805   -3.819  1.00 56.48 ? 50 VAL A CG2 1 
ATOM 389 N N   . ARG A 1 51 ? 6.454   5.925   -2.806  1.00 56.68 ? 51 ARG A N   1 
ATOM 390 C CA  . ARG A 1 51 ? 7.220   4.686   -2.757  1.00 56.92 ? 51 ARG A CA  1 
ATOM 391 C C   . ARG A 1 51 ? 7.885   4.579   -1.395  1.00 53.91 ? 51 ARG A C   1 
ATOM 392 O O   . ARG A 1 51 ? 8.184   3.493   -0.923  1.00 51.90 ? 51 ARG A O   1 
ATOM 393 C CB  . ARG A 1 51 ? 8.299   4.658   -3.849  1.00 62.62 ? 51 ARG A CB  1 
ATOM 394 C CG  . ARG A 1 51 ? 7.826   4.921   -5.279  1.00 68.44 ? 51 ARG A CG  1 
ATOM 395 C CD  . ARG A 1 51 ? 8.784   4.251   -6.274  1.00 71.97 ? 51 ARG A CD  1 
ATOM 396 N NE  . ARG A 1 51 ? 9.450   5.172   -7.194  1.00 71.45 ? 51 ARG A NE  1 
ATOM 397 C CZ  . ARG A 1 51 ? 10.232  6.175   -6.807  1.00 73.55 ? 51 ARG A CZ  1 
ATOM 398 N NH1 . ARG A 1 51 ? 10.442  6.392   -5.512  1.00 73.90 ? 51 ARG A NH1 1 
ATOM 399 N NH2 . ARG A 1 51 ? 10.813  6.952   -7.712  1.00 72.33 ? 51 ARG A NH2 1 
ATOM 400 N N   . LYS A 1 52 ? 8.128   5.719   -0.769  1.00 54.88 ? 52 LYS A N   1 
ATOM 401 C CA  . LYS A 1 52 ? 8.754   5.726   0.538   1.00 61.51 ? 52 LYS A CA  1 
ATOM 402 C C   . LYS A 1 52 ? 7.796   5.107   1.551   1.00 63.97 ? 52 LYS A C   1 
ATOM 403 O O   . LYS A 1 52 ? 8.208   4.319   2.405   1.00 68.25 ? 52 LYS A O   1 
ATOM 404 C CB  . LYS A 1 52 ? 9.145   7.160   0.936   1.00 64.54 ? 52 LYS A CB  1 
ATOM 405 C CG  . LYS A 1 52 ? 10.408  7.635   0.217   1.00 68.08 ? 52 LYS A CG  1 
ATOM 406 C CD  . LYS A 1 52 ? 10.768  9.096   0.441   1.00 68.29 ? 52 LYS A CD  1 
ATOM 407 C CE  . LYS A 1 52 ? 11.925  9.488   -0.494  1.00 71.44 ? 52 LYS A CE  1 
ATOM 408 N NZ  . LYS A 1 52 ? 12.210  10.957  -0.566  1.00 69.24 ? 52 LYS A NZ  1 
ATOM 409 N N   . LYS A 1 53 ? 6.516   5.451   1.446   1.00 61.35 ? 53 LYS A N   1 
ATOM 410 C CA  . LYS A 1 53 ? 5.520   4.899   2.345   1.00 52.60 ? 53 LYS A CA  1 
ATOM 411 C C   . LYS A 1 53 ? 5.426   3.407   2.089   1.00 51.31 ? 53 LYS A C   1 
ATOM 412 O O   . LYS A 1 53 ? 5.636   2.600   2.995   1.00 51.58 ? 53 LYS A O   1 
ATOM 413 C CB  . LYS A 1 53 ? 4.166   5.576   2.125   1.00 52.43 ? 53 LYS A CB  1 
ATOM 414 C CG  . LYS A 1 53 ? 4.092   6.961   2.774   1.00 54.23 ? 53 LYS A CG  1 
ATOM 415 C CD  . LYS A 1 53 ? 3.142   7.893   2.053   1.00 57.04 ? 53 LYS A CD  1 
ATOM 416 C CE  . LYS A 1 53 ? 3.355   9.321   2.521   1.00 59.25 ? 53 LYS A CE  1 
ATOM 417 N NZ  . LYS A 1 53 ? 2.462   10.297  1.827   1.00 64.37 ? 53 LYS A NZ  1 
ATOM 418 N N   . LEU A 1 54 ? 5.140   3.034   0.851   1.00 46.73 ? 54 LEU A N   1 
ATOM 419 C CA  . LEU A 1 54 ? 5.035   1.622   0.512   1.00 45.25 ? 54 LEU A CA  1 
ATOM 420 C C   . LEU A 1 54 ? 6.129   0.723   1.112   1.00 45.60 ? 54 LEU A C   1 
ATOM 421 O O   . LEU A 1 54 ? 5.805   -0.287  1.727   1.00 45.47 ? 54 LEU A O   1 
ATOM 422 C CB  . LEU A 1 54 ? 4.992   1.454   -1.006  1.00 43.66 ? 54 LEU A CB  1 
ATOM 423 C CG  . LEU A 1 54 ? 3.693   1.917   -1.659  1.00 43.86 ? 54 LEU A CG  1 
ATOM 424 C CD1 . LEU A 1 54 ? 3.819   1.900   -3.179  1.00 43.54 ? 54 LEU A CD1 1 
ATOM 425 C CD2 . LEU A 1 54 ? 2.567   1.010   -1.212  1.00 46.65 ? 54 LEU A CD2 1 
ATOM 426 N N   . ASN A 1 55 ? 7.407   1.068   0.972   1.00 41.56 ? 55 ASN A N   1 
ATOM 427 C CA  . ASN A 1 55 ? 8.450   0.195   1.517   1.00 43.21 ? 55 ASN A CA  1 
ATOM 428 C C   . ASN A 1 55 ? 8.461   0.112   3.035   1.00 39.97 ? 55 ASN A C   1 
ATOM 429 O O   . ASN A 1 55 ? 8.931   -0.876  3.585   1.00 39.89 ? 55 ASN A O   1 
ATOM 430 C CB  . ASN A 1 55 ? 9.849   0.611   1.051   1.00 48.07 ? 55 ASN A CB  1 
ATOM 431 C CG  . ASN A 1 55 ? 9.959   0.746   -0.458  1.00 50.58 ? 55 ASN A CG  1 
ATOM 432 O OD1 . ASN A 1 55 ? 9.112   0.261   -1.208  1.00 50.75 ? 55 ASN A OD1 1 
ATOM 433 N ND2 . ASN A 1 55 ? 11.017  1.408   -0.909  1.00 49.68 ? 55 ASN A ND2 1 
ATOM 434 N N   . LEU A 1 56 ? 7.963   1.156   3.702   1.00 40.82 ? 56 LEU A N   1 
ATOM 435 C CA  . LEU A 1 56 ? 7.897   1.215   5.172   1.00 38.41 ? 56 LEU A CA  1 
ATOM 436 C C   . LEU A 1 56 ? 6.851   0.242   5.710   1.00 37.86 ? 56 LEU A C   1 
ATOM 437 O O   . LEU A 1 56 ? 7.080   -0.440  6.702   1.00 34.26 ? 56 LEU A O   1 
ATOM 438 C CB  . LEU A 1 56 ? 7.548   2.634   5.634   1.00 33.46 ? 56 LEU A CB  1 
ATOM 439 C CG  . LEU A 1 56 ? 8.665   3.591   6.065   1.00 33.53 ? 56 LEU A CG  1 
ATOM 440 C CD1 . LEU A 1 56 ? 8.132   4.984   6.027   1.00 33.26 ? 56 LEU A CD1 1 
ATOM 441 C CD2 . LEU A 1 56 ? 9.170   3.273   7.467   1.00 27.91 ? 56 LEU A CD2 1 
ATOM 442 N N   . LEU A 1 57 ? 5.694   0.209   5.049   1.00 46.12 ? 57 LEU A N   1 
ATOM 443 C CA  . LEU A 1 57 ? 4.592   -0.683  5.405   1.00 50.53 ? 57 LEU A CA  1 
ATOM 444 C C   . LEU A 1 57 ? 5.057   -2.080  5.032   1.00 55.38 ? 57 LEU A C   1 
ATOM 445 O O   . LEU A 1 57 ? 4.994   -3.012  5.836   1.00 59.19 ? 57 LEU A O   1 
ATOM 446 C CB  . LEU A 1 57 ? 3.348   -0.345  4.577   1.00 50.90 ? 57 LEU A CB  1 
ATOM 447 C CG  . LEU A 1 57 ? 2.506   0.911   4.819   1.00 52.00 ? 57 LEU A CG  1 
ATOM 448 C CD1 . LEU A 1 57 ? 1.985   1.428   3.483   1.00 52.97 ? 57 LEU A CD1 1 
ATOM 449 C CD2 . LEU A 1 57 ? 1.338   0.587   5.741   1.00 53.47 ? 57 LEU A CD2 1 
ATOM 450 N N   . GLU A 1 58 ? 5.518   -2.201  3.788   1.00 60.35 ? 58 GLU A N   1 
ATOM 451 C CA  . GLU A 1 58 ? 6.010   -3.457  3.236   1.00 59.19 ? 58 GLU A CA  1 
ATOM 452 C C   . GLU A 1 58 ? 6.904   -4.124  4.256   1.00 54.72 ? 58 GLU A C   1 
ATOM 453 O O   . GLU A 1 58 ? 6.765   -5.303  4.539   1.00 55.05 ? 58 GLU A O   1 
ATOM 454 C CB  . GLU A 1 58 ? 6.778   -3.186  1.936   1.00 64.82 ? 58 GLU A CB  1 
ATOM 455 C CG  . GLU A 1 58 ? 7.428   -4.404  1.285   1.00 70.27 ? 58 GLU A CG  1 
ATOM 456 C CD  . GLU A 1 58 ? 8.658   -4.890  2.037   1.00 73.35 ? 58 GLU A CD  1 
ATOM 457 O OE1 . GLU A 1 58 ? 9.565   -4.072  2.303   1.00 76.15 ? 58 GLU A OE1 1 
ATOM 458 O OE2 . GLU A 1 58 ? 8.724   -6.094  2.359   1.00 75.67 ? 58 GLU A OE2 1 
ATOM 459 N N   . GLU A 1 59 ? 7.812   -3.346  4.817   1.00 54.94 ? 59 GLU A N   1 
ATOM 460 C CA  . GLU A 1 59 ? 8.743   -3.831  5.827   1.00 54.70 ? 59 GLU A CA  1 
ATOM 461 C C   . GLU A 1 59 ? 8.005   -4.432  7.016   1.00 52.86 ? 59 GLU A C   1 
ATOM 462 O O   . GLU A 1 59 ? 8.459   -5.410  7.600   1.00 52.84 ? 59 GLU A O   1 
ATOM 463 C CB  . GLU A 1 59 ? 9.621   -2.670  6.286   1.00 57.16 ? 59 GLU A CB  1 
ATOM 464 C CG  . GLU A 1 59 ? 10.421  -2.917  7.524   1.00 64.30 ? 59 GLU A CG  1 
ATOM 465 C CD  . GLU A 1 59 ? 10.827  -1.609  8.173   1.00 70.27 ? 59 GLU A CD  1 
ATOM 466 O OE1 . GLU A 1 59 ? 9.922   -0.876  8.644   1.00 73.19 ? 59 GLU A OE1 1 
ATOM 467 O OE2 . GLU A 1 59 ? 12.040  -1.307  8.204   1.00 73.89 ? 59 GLU A OE2 1 
ATOM 468 N N   . GLN A 1 60 ? 6.867   -3.848  7.373   1.00 54.04 ? 60 GLN A N   1 
ATOM 469 C CA  . GLN A 1 60 ? 6.084   -4.346  8.499   1.00 57.76 ? 60 GLN A CA  1 
ATOM 470 C C   . GLN A 1 60 ? 5.174   -5.484  8.078   1.00 63.83 ? 60 GLN A C   1 
ATOM 471 O O   . GLN A 1 60 ? 4.885   -6.384  8.874   1.00 66.71 ? 60 GLN A O   1 
ATOM 472 C CB  . GLN A 1 60 ? 5.258   -3.221  9.109   1.00 55.72 ? 60 GLN A CB  1 
ATOM 473 C CG  . GLN A 1 60 ? 6.110   -2.049  9.510   1.00 53.91 ? 60 GLN A CG  1 
ATOM 474 C CD  . GLN A 1 60 ? 7.255   -2.467  10.390  1.00 50.81 ? 60 GLN A CD  1 
ATOM 475 O OE1 . GLN A 1 60 ? 8.363   -1.953  10.272  1.00 48.17 ? 60 GLN A OE1 1 
ATOM 476 N NE2 . GLN A 1 60 ? 6.993   -3.405  11.286  1.00 49.62 ? 60 GLN A NE2 1 
ATOM 477 N N   . GLY A 1 61 ? 4.718   -5.437  6.827   1.00 63.88 ? 61 GLY A N   1 
ATOM 478 C CA  . GLY A 1 61 ? 3.864   -6.493  6.317   1.00 60.10 ? 61 GLY A CA  1 
ATOM 479 C C   . GLY A 1 61 ? 2.419   -6.108  6.094   1.00 58.93 ? 61 GLY A C   1 
ATOM 480 O O   . GLY A 1 61 ? 1.531   -6.950  6.223   1.00 59.24 ? 61 GLY A O   1 
ATOM 481 N N   . PHE A 1 62 ? 2.182   -4.846  5.748   1.00 56.99 ? 62 PHE A N   1 
ATOM 482 C CA  . PHE A 1 62 ? 0.825   -4.373  5.503   1.00 52.36 ? 62 PHE A CA  1 
ATOM 483 C C   . PHE A 1 62 ? 0.603   -4.299  4.015   1.00 48.39 ? 62 PHE A C   1 
ATOM 484 O O   . PHE A 1 62 ? -0.462  -3.901  3.553   1.00 50.63 ? 62 PHE A O   1 
ATOM 485 C CB  . PHE A 1 62 ? 0.601   -2.988  6.121   1.00 53.98 ? 62 PHE A CB  1 
ATOM 486 C CG  . PHE A 1 62 ? 0.643   -2.982  7.621   1.00 53.85 ? 62 PHE A CG  1 
ATOM 487 C CD1 . PHE A 1 62 ? 1.853   -3.075  8.296   1.00 56.97 ? 62 PHE A CD1 1 
ATOM 488 C CD2 . PHE A 1 62 ? -0.523  -2.911  8.355   1.00 53.56 ? 62 PHE A CD2 1 
ATOM 489 C CE1 . PHE A 1 62 ? 1.897   -3.100  9.679   1.00 60.27 ? 62 PHE A CE1 1 
ATOM 490 C CE2 . PHE A 1 62 ? -0.492  -2.934  9.736   1.00 56.87 ? 62 PHE A CE2 1 
ATOM 491 C CZ  . PHE A 1 62 ? 0.721   -3.030  10.402  1.00 58.71 ? 62 PHE A CZ  1 
ATOM 492 N N   . VAL A 1 63 ? 1.626   -4.694  3.271   1.00 52.20 ? 63 VAL A N   1 
ATOM 493 C CA  . VAL A 1 63 ? 1.585   -4.688  1.815   1.00 53.77 ? 63 VAL A CA  1 
ATOM 494 C C   . VAL A 1 63 ? 2.660   -5.634  1.274   1.00 53.67 ? 63 VAL A C   1 
ATOM 495 O O   . VAL A 1 63 ? 3.665   -5.895  1.934   1.00 54.43 ? 63 VAL A O   1 
ATOM 496 C CB  . VAL A 1 63 ? 1.828   -3.233  1.263   1.00 54.12 ? 63 VAL A CB  1 
ATOM 497 C CG1 . VAL A 1 63 ? 2.257   -3.287  -0.174  1.00 60.19 ? 63 VAL A CG1 1 
ATOM 498 C CG2 . VAL A 1 63 ? 0.542   -2.388  1.357   1.00 50.98 ? 63 VAL A CG2 1 
ATOM 499 N N   . SER A 1 64 ? 2.428   -6.168  0.079   1.00 56.03 ? 64 SER A N   1 
ATOM 500 C CA  . SER A 1 64 ? 3.388   -7.052  -0.592  1.00 53.19 ? 64 SER A CA  1 
ATOM 501 C C   . SER A 1 64 ? 3.466   -6.592  -2.031  1.00 52.96 ? 64 SER A C   1 
ATOM 502 O O   . SER A 1 64 ? 2.481   -6.104  -2.576  1.00 57.88 ? 64 SER A O   1 
ATOM 503 C CB  . SER A 1 64 ? 2.922   -8.512  -0.557  1.00 55.30 ? 64 SER A CB  1 
ATOM 504 O OG  . SER A 1 64 ? 3.241   -9.138  0.677   1.00 55.79 ? 64 SER A OG  1 
ATOM 505 N N   . TYR A 1 65 ? 4.625   -6.734  -2.653  1.00 55.41 ? 65 TYR A N   1 
ATOM 506 C CA  . TYR A 1 65 ? 4.760   -6.327  -4.050  1.00 58.89 ? 65 TYR A CA  1 
ATOM 507 C C   . TYR A 1 65 ? 5.184   -7.482  -4.965  1.00 59.45 ? 65 TYR A C   1 
ATOM 508 O O   . TYR A 1 65 ? 5.506   -8.580  -4.513  1.00 59.70 ? 65 TYR A O   1 
ATOM 509 C CB  . TYR A 1 65 ? 5.763   -5.165  -4.182  1.00 56.95 ? 65 TYR A CB  1 
ATOM 510 C CG  . TYR A 1 65 ? 7.202   -5.547  -3.911  1.00 54.63 ? 65 TYR A CG  1 
ATOM 511 C CD1 . TYR A 1 65 ? 8.054   -5.917  -4.947  1.00 56.43 ? 65 TYR A CD1 1 
ATOM 512 C CD2 . TYR A 1 65 ? 7.699   -5.564  -2.614  1.00 54.89 ? 65 TYR A CD2 1 
ATOM 513 C CE1 . TYR A 1 65 ? 9.370   -6.295  -4.697  1.00 58.20 ? 65 TYR A CE1 1 
ATOM 514 C CE2 . TYR A 1 65 ? 9.000   -5.934  -2.350  1.00 58.18 ? 65 TYR A CE2 1 
ATOM 515 C CZ  . TYR A 1 65 ? 9.836   -6.298  -3.391  1.00 60.06 ? 65 TYR A CZ  1 
ATOM 516 O OH  . TYR A 1 65 ? 11.142  -6.640  -3.111  1.00 67.04 ? 65 TYR A OH  1 
ATOM 517 N N   . ARG A 1 66 ? 5.171   -7.207  -6.260  1.00 64.98 ? 66 ARG A N   1 
ATOM 518 C CA  . ARG A 1 66 ? 5.568   -8.169  -7.274  1.00 65.31 ? 66 ARG A CA  1 
ATOM 519 C C   . ARG A 1 66 ? 6.095   -7.379  -8.469  1.00 67.03 ? 66 ARG A C   1 
ATOM 520 O O   . ARG A 1 66 ? 5.382   -6.540  -9.030  1.00 67.12 ? 66 ARG A O   1 
ATOM 521 C CB  . ARG A 1 66 ? 4.373   -9.040  -7.691  1.00 64.29 ? 66 ARG A CB  1 
ATOM 522 C CG  . ARG A 1 66 ? 3.803   -8.779  -9.090  1.00 64.11 ? 66 ARG A CG  1 
ATOM 523 C CD  . ARG A 1 66 ? 2.885   -9.926  -9.515  1.00 62.58 ? 66 ARG A CD  1 
ATOM 524 N NE  . ARG A 1 66 ? 2.225   -9.720  -10.804 1.00 58.48 ? 66 ARG A NE  1 
ATOM 525 C CZ  . ARG A 1 66 ? 1.558   -8.616  -11.132 1.00 58.13 ? 66 ARG A CZ  1 
ATOM 526 N NH1 . ARG A 1 66 ? 1.478   -7.617  -10.273 1.00 59.44 ? 66 ARG A NH1 1 
ATOM 527 N NH2 . ARG A 1 66 ? 0.942   -8.523  -12.301 1.00 54.67 ? 66 ARG A NH2 1 
ATOM 528 N N   . LYS A 1 67 ? 7.352   -7.613  -8.833  1.00 66.24 ? 67 LYS A N   1 
ATOM 529 C CA  . LYS A 1 67 ? 7.921   -6.920  -9.978  1.00 64.61 ? 67 LYS A CA  1 
ATOM 530 C C   . LYS A 1 67 ? 7.810   -7.822  -11.187 1.00 63.74 ? 67 LYS A C   1 
ATOM 531 O O   . LYS A 1 67 ? 8.350   -8.923  -11.200 1.00 64.69 ? 67 LYS A O   1 
ATOM 532 C CB  . LYS A 1 67 ? 9.384   -6.551  -9.747  1.00 65.95 ? 67 LYS A CB  1 
ATOM 533 C CG  . LYS A 1 67 ? 10.315  -7.707  -9.415  1.00 66.55 ? 67 LYS A CG  1 
ATOM 534 C CD  . LYS A 1 67 ? 11.752  -7.355  -9.802  1.00 68.17 ? 67 LYS A CD  1 
ATOM 535 C CE  . LYS A 1 67 ? 12.052  -5.877  -9.558  1.00 69.75 ? 67 LYS A CE  1 
ATOM 536 N NZ  . LYS A 1 67 ? 13.447  -5.437  -9.883  1.00 70.24 ? 67 LYS A NZ  1 
ATOM 537 N N   . THR A 1 68 ? 7.103   -7.351  -12.203 1.00 61.24 ? 68 THR A N   1 
ATOM 538 C CA  . THR A 1 68 ? 6.914   -8.130  -13.409 1.00 59.33 ? 68 THR A CA  1 
ATOM 539 C C   . THR A 1 68 ? 7.358   -7.350  -14.637 1.00 58.53 ? 68 THR A C   1 
ATOM 540 O O   . THR A 1 68 ? 6.817   -6.278  -14.934 1.00 57.91 ? 68 THR A O   1 
ATOM 541 C CB  . THR A 1 68 ? 5.433   -8.557  -13.539 1.00 59.71 ? 68 THR A CB  1 
ATOM 542 O OG1 . THR A 1 68 ? 5.090   -9.412  -12.438 1.00 57.52 ? 68 THR A OG1 1 
ATOM 543 C CG2 . THR A 1 68 ? 5.198   -9.314  -14.842 1.00 61.60 ? 68 THR A CG2 1 
ATOM 544 N N   . ARG A 1 69 ? 8.347   -7.900  -15.343 1.00 58.10 ? 69 ARG A N   1 
ATOM 545 C CA  . ARG A 1 69 ? 8.894   -7.277  -16.548 1.00 61.07 ? 69 ARG A CA  1 
ATOM 546 C C   . ARG A 1 69 ? 7.833   -7.021  -17.619 1.00 61.35 ? 69 ARG A C   1 
ATOM 547 O O   . ARG A 1 69 ? 7.706   -5.904  -18.133 1.00 61.69 ? 69 ARG A O   1 
ATOM 548 C CB  . ARG A 1 69 ? 10.020  -8.144  -17.133 1.00 60.53 ? 69 ARG A CB  1 
ATOM 549 C CG  . ARG A 1 69 ? 11.388  -7.919  -16.493 1.00 63.15 ? 69 ARG A CG  1 
ATOM 550 C CD  . ARG A 1 69 ? 12.462  -8.848  -17.053 1.00 68.49 ? 69 ARG A CD  1 
ATOM 551 N NE  . ARG A 1 69 ? 12.253  -10.247 -16.683 1.00 77.92 ? 69 ARG A NE  1 
ATOM 552 C CZ  . ARG A 1 69 ? 12.052  -11.234 -17.556 1.00 82.87 ? 69 ARG A CZ  1 
ATOM 553 N NH1 . ARG A 1 69 ? 12.032  -10.983 -18.862 1.00 85.58 ? 69 ARG A NH1 1 
ATOM 554 N NH2 . ARG A 1 69 ? 11.866  -12.477 -17.125 1.00 84.37 ? 69 ARG A NH2 1 
ATOM 555 N N   . SER A 1 73 ? 7.086   -4.697  -23.938 1.00 73.60 ? 73 SER A N   1 
ATOM 556 C CA  . SER A 1 73 ? 7.034   -3.297  -23.509 1.00 77.91 ? 73 SER A CA  1 
ATOM 557 C C   . SER A 1 73 ? 8.067   -3.003  -22.413 1.00 75.53 ? 73 SER A C   1 
ATOM 558 O O   . SER A 1 73 ? 7.739   -2.899  -21.228 1.00 71.40 ? 73 SER A O   1 
ATOM 559 C CB  . SER A 1 73 ? 5.610   -2.937  -23.031 1.00 77.07 ? 73 SER A CB  1 
ATOM 560 O OG  . SER A 1 73 ? 5.116   -3.852  -22.061 1.00 75.43 ? 73 SER A OG  1 
ATOM 561 N N   . GLY A 1 74 ? 9.319   -2.862  -22.839 1.00 75.54 ? 74 GLY A N   1 
ATOM 562 C CA  . GLY A 1 74 ? 10.423  -2.596  -21.931 1.00 77.38 ? 74 GLY A CA  1 
ATOM 563 C C   . GLY A 1 74 ? 10.164  -1.774  -20.682 1.00 77.26 ? 74 GLY A C   1 
ATOM 564 O O   . GLY A 1 74 ? 9.539   -0.712  -20.740 1.00 78.52 ? 74 GLY A O   1 
ATOM 565 N N   . TRP A 1 75 ? 10.666  -2.293  -19.557 1.00 76.45 ? 75 TRP A N   1 
ATOM 566 C CA  . TRP A 1 75 ? 10.576  -1.693  -18.217 1.00 72.89 ? 75 TRP A CA  1 
ATOM 567 C C   . TRP A 1 75 ? 9.936   -2.572  -17.141 1.00 70.06 ? 75 TRP A C   1 
ATOM 568 O O   . TRP A 1 75 ? 8.767   -2.944  -17.229 1.00 67.01 ? 75 TRP A O   1 
ATOM 569 C CB  . TRP A 1 75 ? 9.863   -0.336  -18.256 1.00 69.03 ? 75 TRP A CB  1 
ATOM 570 C CG  . TRP A 1 75 ? 10.797  0.854   -18.322 1.00 69.15 ? 75 TRP A CG  1 
ATOM 571 C CD1 . TRP A 1 75 ? 10.440  2.176   -18.320 1.00 68.12 ? 75 TRP A CD1 1 
ATOM 572 C CD2 . TRP A 1 75 ? 12.232  0.832   -18.343 1.00 68.20 ? 75 TRP A CD2 1 
ATOM 573 N NE1 . TRP A 1 75 ? 11.558  2.978   -18.333 1.00 64.11 ? 75 TRP A NE1 1 
ATOM 574 C CE2 . TRP A 1 75 ? 12.671  2.180   -18.346 1.00 65.63 ? 75 TRP A CE2 1 
ATOM 575 C CE3 . TRP A 1 75 ? 13.191  -0.192  -18.357 1.00 65.58 ? 75 TRP A CE3 1 
ATOM 576 C CZ2 . TRP A 1 75 ? 14.020  2.526   -18.361 1.00 66.36 ? 75 TRP A CZ2 1 
ATOM 577 C CZ3 . TRP A 1 75 ? 14.533  0.149   -18.373 1.00 66.29 ? 75 TRP A CZ3 1 
ATOM 578 C CH2 . TRP A 1 75 ? 14.935  1.500   -18.374 1.00 68.99 ? 75 TRP A CH2 1 
ATOM 579 N N   . PHE A 1 76 ? 10.739  -2.894  -16.128 1.00 70.42 ? 76 PHE A N   1 
ATOM 580 C CA  . PHE A 1 76 ? 10.342  -3.707  -14.970 1.00 68.39 ? 76 PHE A CA  1 
ATOM 581 C C   . PHE A 1 76 ? 9.313   -2.951  -14.140 1.00 65.97 ? 76 PHE A C   1 
ATOM 582 O O   . PHE A 1 76 ? 9.416   -1.739  -13.973 1.00 66.26 ? 76 PHE A O   1 
ATOM 583 C CB  . PHE A 1 76 ? 11.561  -3.949  -14.086 1.00 71.05 ? 76 PHE A CB  1 
ATOM 584 C CG  . PHE A 1 76 ? 12.128  -2.678  -13.489 1.00 74.22 ? 76 PHE A CG  1 
ATOM 585 C CD1 . PHE A 1 76 ? 11.941  -2.380  -12.136 1.00 74.48 ? 76 PHE A CD1 1 
ATOM 586 C CD2 . PHE A 1 76 ? 12.814  -1.758  -14.293 1.00 73.73 ? 76 PHE A CD2 1 
ATOM 587 C CE1 . PHE A 1 76 ? 12.428  -1.184  -11.591 1.00 73.23 ? 76 PHE A CE1 1 
ATOM 588 C CE2 . PHE A 1 76 ? 13.303  -0.563  -13.762 1.00 71.92 ? 76 PHE A CE2 1 
ATOM 589 C CZ  . PHE A 1 76 ? 13.109  -0.276  -12.409 1.00 73.95 ? 76 PHE A CZ  1 
ATOM 590 N N   . ILE A 1 77 ? 8.335   -3.651  -13.589 1.00 63.70 ? 77 ILE A N   1 
ATOM 591 C CA  . ILE A 1 77 ? 7.336   -2.955  -12.795 1.00 63.04 ? 77 ILE A CA  1 
ATOM 592 C C   . ILE A 1 77 ? 6.991   -3.640  -11.479 1.00 60.85 ? 77 ILE A C   1 
ATOM 593 O O   . ILE A 1 77 ? 6.931   -4.861  -11.394 1.00 60.06 ? 77 ILE A O   1 
ATOM 594 C CB  . ILE A 1 77 ? 6.036   -2.752  -13.595 1.00 65.97 ? 77 ILE A CB  1 
ATOM 595 C CG1 . ILE A 1 77 ? 6.362   -2.250  -14.997 1.00 68.17 ? 77 ILE A CG1 1 
ATOM 596 C CG2 . ILE A 1 77 ? 5.156   -1.721  -12.901 1.00 66.99 ? 77 ILE A CG2 1 
ATOM 597 C CD1 . ILE A 1 77 ? 5.150   -2.175  -15.909 1.00 70.87 ? 77 ILE A CD1 1 
ATOM 598 N N   . TYR A 1 78 ? 6.776   -2.838  -10.446 1.00 58.98 ? 78 TYR A N   1 
ATOM 599 C CA  . TYR A 1 78 ? 6.409   -3.372  -9.147  1.00 58.68 ? 78 TYR A CA  1 
ATOM 600 C C   . TYR A 1 78 ? 4.940   -3.086  -8.940  1.00 59.15 ? 78 TYR A C   1 
ATOM 601 O O   . TYR A 1 78 ? 4.468   -1.995  -9.264  1.00 58.34 ? 78 TYR A O   1 
ATOM 602 C CB  . TYR A 1 78 ? 7.190   -2.694  -8.025  1.00 57.21 ? 78 TYR A CB  1 
ATOM 603 C CG  . TYR A 1 78 ? 8.674   -2.926  -8.067  1.00 59.19 ? 78 TYR A CG  1 
ATOM 604 C CD1 . TYR A 1 78 ? 9.469   -2.279  -8.993  1.00 61.52 ? 78 TYR A CD1 1 
ATOM 605 C CD2 . TYR A 1 78 ? 9.288   -3.776  -7.153  1.00 60.45 ? 78 TYR A CD2 1 
ATOM 606 C CE1 . TYR A 1 78 ? 10.848  -2.468  -9.007  1.00 65.23 ? 78 TYR A CE1 1 
ATOM 607 C CE2 . TYR A 1 78 ? 10.662  -3.971  -7.158  1.00 62.32 ? 78 TYR A CE2 1 
ATOM 608 C CZ  . TYR A 1 78 ? 11.433  -3.313  -8.085  1.00 63.47 ? 78 TYR A CZ  1 
ATOM 609 O OH  . TYR A 1 78 ? 12.794  -3.491  -8.095  1.00 69.22 ? 78 TYR A OH  1 
ATOM 610 N N   . TYR A 1 79 ? 4.212   -4.069  -8.420  1.00 59.36 ? 79 TYR A N   1 
ATOM 611 C CA  . TYR A 1 79 ? 2.802   -3.874  -8.145  1.00 58.91 ? 79 TYR A CA  1 
ATOM 612 C C   . TYR A 1 79 ? 2.558   -4.149  -6.677  1.00 59.36 ? 79 TYR A C   1 
ATOM 613 O O   . TYR A 1 79 ? 3.079   -5.107  -6.112  1.00 59.98 ? 79 TYR A O   1 
ATOM 614 C CB  . TYR A 1 79 ? 1.934   -4.782  -9.003  1.00 61.98 ? 79 TYR A CB  1 
ATOM 615 C CG  . TYR A 1 79 ? 1.828   -4.341  -10.440 1.00 66.37 ? 79 TYR A CG  1 
ATOM 616 C CD1 . TYR A 1 79 ? 2.849   -4.609  -11.355 1.00 68.92 ? 79 TYR A CD1 1 
ATOM 617 C CD2 . TYR A 1 79 ? 0.693   -3.681  -10.897 1.00 68.89 ? 79 TYR A CD2 1 
ATOM 618 C CE1 . TYR A 1 79 ? 2.735   -4.236  -12.692 1.00 71.14 ? 79 TYR A CE1 1 
ATOM 619 C CE2 . TYR A 1 79 ? 0.567   -3.300  -12.234 1.00 71.01 ? 79 TYR A CE2 1 
ATOM 620 C CZ  . TYR A 1 79 ? 1.589   -3.582  -13.125 1.00 71.57 ? 79 TYR A CZ  1 
ATOM 621 O OH  . TYR A 1 79 ? 1.452   -3.219  -14.445 1.00 72.78 ? 79 TYR A OH  1 
ATOM 622 N N   . TRP A 1 80 ? 1.766   -3.293  -6.052  1.00 57.50 ? 80 TRP A N   1 
ATOM 623 C CA  . TRP A 1 80 ? 1.486   -3.443  -4.640  1.00 57.30 ? 80 TRP A CA  1 
ATOM 624 C C   . TRP A 1 80 ? 0.075   -3.915  -4.356  1.00 58.79 ? 80 TRP A C   1 
ATOM 625 O O   . TRP A 1 80 ? -0.852  -3.667  -5.132  1.00 58.09 ? 80 TRP A O   1 
ATOM 626 C CB  . TRP A 1 80 ? 1.768   -2.118  -3.934  1.00 55.59 ? 80 TRP A CB  1 
ATOM 627 C CG  . TRP A 1 80 ? 3.144   -1.661  -4.221  1.00 54.37 ? 80 TRP A CG  1 
ATOM 628 C CD1 . TRP A 1 80 ? 3.569   -0.972  -5.321  1.00 52.83 ? 80 TRP A CD1 1 
ATOM 629 C CD2 . TRP A 1 80 ? 4.314   -1.955  -3.456  1.00 51.63 ? 80 TRP A CD2 1 
ATOM 630 N NE1 . TRP A 1 80 ? 4.940   -0.822  -5.288  1.00 50.54 ? 80 TRP A NE1 1 
ATOM 631 C CE2 . TRP A 1 80 ? 5.419   -1.417  -4.152  1.00 48.84 ? 80 TRP A CE2 1 
ATOM 632 C CE3 . TRP A 1 80 ? 4.536   -2.624  -2.251  1.00 50.83 ? 80 TRP A CE3 1 
ATOM 633 C CZ2 . TRP A 1 80 ? 6.718   -1.525  -3.682  1.00 49.08 ? 80 TRP A CZ2 1 
ATOM 634 C CZ3 . TRP A 1 80 ? 5.825   -2.730  -1.782  1.00 53.07 ? 80 TRP A CZ3 1 
ATOM 635 C CH2 . TRP A 1 80 ? 6.904   -2.182  -2.497  1.00 53.87 ? 80 TRP A CH2 1 
ATOM 636 N N   . LYS A 1 81 ? -0.073  -4.607  -3.234  1.00 54.27 ? 81 LYS A N   1 
ATOM 637 C CA  . LYS A 1 81 ? -1.360  -5.123  -2.813  1.00 54.63 ? 81 LYS A CA  1 
ATOM 638 C C   . LYS A 1 81 ? -1.313  -5.105  -1.293  1.00 51.69 ? 81 LYS A C   1 
ATOM 639 O O   . LYS A 1 81 ? -0.223  -5.102  -0.712  1.00 50.28 ? 81 LYS A O   1 
ATOM 640 C CB  . LYS A 1 81 ? -1.529  -6.560  -3.328  1.00 60.05 ? 81 LYS A CB  1 
ATOM 641 C CG  . LYS A 1 81 ? -2.967  -7.009  -3.579  1.00 62.86 ? 81 LYS A CG  1 
ATOM 642 C CD  . LYS A 1 81 ? -3.011  -8.408  -4.193  1.00 66.55 ? 81 LYS A CD  1 
ATOM 643 C CE  . LYS A 1 81 ? -4.442  -8.957  -4.298  1.00 68.58 ? 81 LYS A CE  1 
ATOM 644 N NZ  . LYS A 1 81 ? -4.493  -10.361 -4.833  1.00 67.34 ? 81 LYS A NZ  1 
ATOM 645 N N   . PRO A 1 82 ? -2.484  -5.044  -0.630  1.00 47.52 ? 82 PRO A N   1 
ATOM 646 C CA  . PRO A 1 82 ? -2.590  -5.032  0.832   1.00 47.67 ? 82 PRO A CA  1 
ATOM 647 C C   . PRO A 1 82 ? -2.629  -6.466  1.363   1.00 50.73 ? 82 PRO A C   1 
ATOM 648 O O   . PRO A 1 82 ? -3.486  -7.252  0.961   1.00 53.76 ? 82 PRO A O   1 
ATOM 649 C CB  . PRO A 1 82 ? -3.913  -4.317  1.076   1.00 49.67 ? 82 PRO A CB  1 
ATOM 650 C CG  . PRO A 1 82 ? -4.136  -3.534  -0.154  1.00 49.05 ? 82 PRO A CG  1 
ATOM 651 C CD  . PRO A 1 82 ? -3.703  -4.479  -1.220  1.00 47.20 ? 82 PRO A CD  1 
ATOM 652 N N   . ASN A 1 83 ? -1.716  -6.815  2.264   1.00 53.99 ? 83 ASN A N   1 
ATOM 653 C CA  . ASN A 1 83 ? -1.694  -8.169  2.808   1.00 56.23 ? 83 ASN A CA  1 
ATOM 654 C C   . ASN A 1 83 ? -2.792  -8.431  3.843   1.00 56.13 ? 83 ASN A C   1 
ATOM 655 O O   . ASN A 1 83 ? -2.582  -9.183  4.800   1.00 55.63 ? 83 ASN A O   1 
ATOM 656 C CB  . ASN A 1 83 ? -0.326  -8.471  3.428   1.00 55.91 ? 83 ASN A CB  1 
ATOM 657 C CG  . ASN A 1 83 ? 0.797   -8.374  2.418   1.00 58.33 ? 83 ASN A CG  1 
ATOM 658 O OD1 . ASN A 1 83 ? 0.553   -8.398  1.209   1.00 59.58 ? 83 ASN A OD1 1 
ATOM 659 N ND2 . ASN A 1 83 ? 2.036   -8.276  2.903   1.00 53.72 ? 83 ASN A ND2 1 
ATOM 660 N N   . ILE A 1 84 ? -3.965  -7.837  3.646   1.00 52.39 ? 84 ILE A N   1 
ATOM 661 C CA  . ILE A 1 84 ? -5.048  -8.036  4.591   1.00 60.58 ? 84 ILE A CA  1 
ATOM 662 C C   . ILE A 1 84 ? -5.577  -9.488  4.655   1.00 65.17 ? 84 ILE A C   1 
ATOM 663 O O   . ILE A 1 84 ? -5.781  -10.028 5.744   1.00 66.75 ? 84 ILE A O   1 
ATOM 664 C CB  . ILE A 1 84 ? -6.198  -7.071  4.303   1.00 58.35 ? 84 ILE A CB  1 
ATOM 665 C CG1 . ILE A 1 84 ? -7.333  -7.303  5.306   1.00 58.54 ? 84 ILE A CG1 1 
ATOM 666 C CG2 . ILE A 1 84 ? -6.639  -7.221  2.871   1.00 57.35 ? 84 ILE A CG2 1 
ATOM 667 C CD1 . ILE A 1 84 ? -8.462  -6.288  5.214   1.00 62.12 ? 84 ILE A CD1 1 
ATOM 668 N N   . ASP A 1 85 ? -5.804  -10.123 3.508   1.00 66.17 ? 85 ASP A N   1 
ATOM 669 C CA  . ASP A 1 85 ? -6.275  -11.503 3.501   1.00 65.07 ? 85 ASP A CA  1 
ATOM 670 C C   . ASP A 1 85 ? -5.347  -12.336 4.373   1.00 66.30 ? 85 ASP A C   1 
ATOM 671 O O   . ASP A 1 85 ? -5.779  -13.283 5.029   1.00 67.28 ? 85 ASP A O   1 
ATOM 672 C CB  . ASP A 1 85 ? -6.272  -12.072 2.081   1.00 70.20 ? 85 ASP A CB  1 
ATOM 673 C CG  . ASP A 1 85 ? -7.660  -12.132 1.467   1.00 74.09 ? 85 ASP A CG  1 
ATOM 674 O OD1 . ASP A 1 85 ? -8.546  -12.794 2.054   1.00 75.47 ? 85 ASP A OD1 1 
ATOM 675 O OD2 . ASP A 1 85 ? -7.863  -11.523 0.393   1.00 77.62 ? 85 ASP A OD2 1 
ATOM 676 N N   . GLN A 1 86 ? -4.064  -11.991 4.372   1.00 67.69 ? 86 GLN A N   1 
ATOM 677 C CA  . GLN A 1 86 ? -3.097  -12.714 5.193   1.00 72.10 ? 86 GLN A CA  1 
ATOM 678 C C   . GLN A 1 86 ? -3.369  -12.365 6.660   1.00 73.57 ? 86 GLN A C   1 
ATOM 679 O O   . GLN A 1 86 ? -3.020  -13.124 7.569   1.00 73.00 ? 86 GLN A O   1 
ATOM 680 C CB  . GLN A 1 86 ? -1.659  -12.336 4.795   1.00 70.85 ? 86 GLN A CB  1 
ATOM 681 C CG  . GLN A 1 86 ? -1.239  -12.862 3.413   1.00 73.10 ? 86 GLN A CG  1 
ATOM 682 C CD  . GLN A 1 86 ? 0.135   -12.366 2.950   1.00 75.44 ? 86 GLN A CD  1 
ATOM 683 O OE1 . GLN A 1 86 ? 1.151   -12.565 3.620   1.00 73.15 ? 86 GLN A OE1 1 
ATOM 684 N NE2 . GLN A 1 86 ? 0.165   -11.724 1.788   1.00 79.61 ? 86 GLN A NE2 1 
ATOM 685 N N   . ILE A 1 87 ? -4.003  -11.215 6.879   1.00 72.36 ? 87 ILE A N   1 
ATOM 686 C CA  . ILE A 1 87 ? -4.343  -10.774 8.225   1.00 70.62 ? 87 ILE A CA  1 
ATOM 687 C C   . ILE A 1 87 ? -5.422  -11.697 8.776   1.00 71.10 ? 87 ILE A C   1 
ATOM 688 O O   . ILE A 1 87 ? -5.712  -11.697 9.975   1.00 71.68 ? 87 ILE A O   1 
ATOM 689 C CB  . ILE A 1 87 ? -4.822  -9.295  8.230   1.00 69.16 ? 87 ILE A CB  1 
ATOM 690 C CG1 . ILE A 1 87 ? -3.736  -8.405  8.843   1.00 71.87 ? 87 ILE A CG1 1 
ATOM 691 C CG2 . ILE A 1 87 ? -6.127  -9.145  8.993   1.00 68.12 ? 87 ILE A CG2 1 
ATOM 692 C CD1 . ILE A 1 87 ? -3.351  -8.778  10.278  1.00 73.02 ? 87 ILE A CD1 1 
ATOM 693 N N   . ASN A 1 88 ? -6.014  -12.486 7.886   1.00 69.25 ? 88 ASN A N   1 
ATOM 694 C CA  . ASN A 1 88 ? -7.035  -13.448 8.282   1.00 71.55 ? 88 ASN A CA  1 
ATOM 695 C C   . ASN A 1 88 ? -6.597  -14.799 7.747   1.00 72.86 ? 88 ASN A C   1 
ATOM 696 O O   . ASN A 1 88 ? -5.983  -15.568 8.523   1.00 70.79 ? 88 ASN A O   1 
ATOM 697 C CB  . ASN A 1 88 ? -8.387  -13.090 7.676   1.00 69.73 ? 88 ASN A CB  1 
ATOM 698 C CG  . ASN A 1 88 ? -8.654  -11.608 7.694   1.00 72.08 ? 88 ASN A CG  1 
ATOM 699 O OD1 . ASN A 1 88 ? -8.453  -10.941 8.707   1.00 73.64 ? 88 ASN A OD1 1 
ATOM 700 N ND2 . ASN A 1 88 ? -9.119  -11.081 6.568   1.00 73.95 ? 88 ASN A ND2 1 
# 
